data_3W9W
#
_entry.id   3W9W
#
_cell.length_a   94.270
_cell.length_b   87.140
_cell.length_c   88.600
_cell.angle_alpha   90.000
_cell.angle_beta   90.820
_cell.angle_gamma   90.000
#
_symmetry.space_group_name_H-M   'C 1 2 1'
#
loop_
_entity.id
_entity.type
_entity.pdbx_description
1 polymer 'DING protein'
2 non-polymer 'PHOSPHATE ION'
3 non-polymer GLYCEROL
4 water water
#
_entity_poly.entity_id   1
_entity_poly.type   'polypeptide(L)'
_entity_poly.pdbx_seq_one_letter_code
;DINGGGATLPQKLYLTPDVLTAGFAPYIGVGSGKGKIAFLENKYNQFGTDTTKNVHWAGSDSKLTATELATYAADKEPGW
GKLIQVPSVATSVAIPFRKAGANAVDLSVKELCGVFSGRIADWSGITGAGRSGPIQVVYRAESSGTTELFTRFLNAKCTT
EPGTFAVTTTFANSYSLGLTPLAGAVAATGSDGVMAALNDTTVAEGRITYMSPDFAAPTLAGLDDATKVARVGKGVVNGV
AVEGKSPAAANVSAAISVVPLPAAADRGNPDVWVPVFGATTGGGVVAYPDSGYPILGFTNLIFSQCYANATQTGQVRDFF
TKHYGTSANNDAAIEANAFVPLPSNWKAAVRASFLTASNALSIGNTNVCNGKGRPQ
;
_entity_poly.pdbx_strand_id   A,B
#
loop_
_chem_comp.id
_chem_comp.type
_chem_comp.name
_chem_comp.formula
GOL non-polymer GLYCEROL 'C3 H8 O3'
PO4 non-polymer 'PHOSPHATE ION' 'O4 P -3'
#
# COMPACT_ATOMS: atom_id res chain seq x y z
N ASP A 1 2.58 17.52 26.57
CA ASP A 1 1.79 17.86 25.38
C ASP A 1 0.89 16.74 24.94
N ILE A 2 -0.23 17.11 24.34
CA ILE A 2 -1.09 16.17 23.63
C ILE A 2 -0.59 16.12 22.19
N ASN A 3 -0.19 14.93 21.74
CA ASN A 3 0.47 14.77 20.45
C ASN A 3 -0.42 14.12 19.40
N GLY A 4 -0.60 14.81 18.27
CA GLY A 4 -1.37 14.27 17.18
C GLY A 4 -0.75 14.52 15.82
N GLY A 5 -1.26 13.81 14.83
CA GLY A 5 -0.74 13.92 13.48
C GLY A 5 -1.47 12.95 12.58
N GLY A 6 -1.04 12.86 11.33
CA GLY A 6 -1.67 11.96 10.39
C GLY A 6 -1.97 12.61 9.05
N ALA A 7 -3.23 12.48 8.62
CA ALA A 7 -3.70 13.00 7.34
C ALA A 7 -3.12 14.37 7.01
N THR A 8 -2.60 14.49 5.79
CA THR A 8 -2.17 15.80 5.28
C THR A 8 -3.32 16.62 4.69
N LEU A 9 -4.38 15.98 4.21
CA LEU A 9 -5.49 16.73 3.62
C LEU A 9 -5.97 17.92 4.49
N PRO A 10 -6.13 17.72 5.82
CA PRO A 10 -6.57 18.83 6.69
C PRO A 10 -5.45 19.44 7.52
N GLN A 11 -4.20 19.16 7.18
CA GLN A 11 -3.10 19.61 8.04
C GLN A 11 -3.02 21.13 8.20
N LYS A 12 -3.32 21.88 7.16
CA LYS A 12 -3.25 23.34 7.27
C LYS A 12 -4.38 23.87 8.15
N LEU A 13 -5.51 23.18 8.16
CA LEU A 13 -6.56 23.52 9.10
C LEU A 13 -6.09 23.31 10.53
N TYR A 14 -5.54 22.13 10.83
CA TYR A 14 -5.12 21.84 12.20
C TYR A 14 -3.93 22.68 12.65
N LEU A 15 -3.17 23.21 11.71
CA LEU A 15 -2.03 24.10 12.00
C LEU A 15 -2.45 25.55 12.18
N THR A 16 -3.70 25.87 11.86
CA THR A 16 -4.19 27.24 12.00
C THR A 16 -4.33 27.56 13.49
N PRO A 17 -3.78 28.72 13.93
CA PRO A 17 -3.85 29.04 15.35
C PRO A 17 -5.27 28.92 15.92
N ASP A 18 -5.35 28.29 17.08
CA ASP A 18 -6.57 28.17 17.90
C ASP A 18 -7.62 27.18 17.38
N VAL A 19 -7.32 26.47 16.31
CA VAL A 19 -8.20 25.38 15.89
C VAL A 19 -8.07 24.21 16.87
N LEU A 20 -6.83 23.82 17.13
CA LEU A 20 -6.54 22.96 18.27
C LEU A 20 -6.36 23.86 19.48
N THR A 21 -6.93 23.44 20.59
CA THR A 21 -7.00 24.28 21.78
C THR A 21 -5.81 24.01 22.71
N ALA A 22 -5.87 24.57 23.92
CA ALA A 22 -4.73 24.53 24.83
C ALA A 22 -4.28 23.11 25.14
N GLY A 23 -2.96 22.92 25.20
CA GLY A 23 -2.39 21.63 25.53
C GLY A 23 -2.00 20.78 24.33
N PHE A 24 -2.48 21.14 23.14
CA PHE A 24 -2.17 20.39 21.93
C PHE A 24 -0.88 20.89 21.27
N ALA A 25 0.05 19.96 21.07
CA ALA A 25 1.25 20.22 20.29
C ALA A 25 0.89 20.43 18.82
N PRO A 26 1.76 21.10 18.05
CA PRO A 26 1.45 21.29 16.63
C PRO A 26 1.24 19.97 15.90
N TYR A 27 0.21 19.96 15.06
CA TYR A 27 -0.15 18.78 14.27
C TYR A 27 0.95 18.40 13.31
N ILE A 28 1.22 17.11 13.21
CA ILE A 28 2.27 16.61 12.34
C ILE A 28 1.67 15.83 11.17
N GLY A 29 1.71 16.43 9.98
CA GLY A 29 1.14 15.81 8.80
C GLY A 29 2.09 14.80 8.16
N VAL A 30 1.66 13.54 8.11
CA VAL A 30 2.50 12.46 7.60
C VAL A 30 1.73 11.47 6.74
N GLY A 31 0.43 11.70 6.56
CA GLY A 31 -0.42 10.77 5.82
C GLY A 31 -1.30 9.95 6.74
N SER A 32 -2.46 9.55 6.23
CA SER A 32 -3.43 8.82 7.07
C SER A 32 -2.96 7.44 7.50
N GLY A 33 -2.21 6.75 6.63
CA GLY A 33 -1.70 5.44 6.98
C GLY A 33 -0.79 5.52 8.20
N LYS A 34 0.12 6.47 8.19
CA LYS A 34 1.01 6.67 9.32
CA LYS A 34 1.01 6.67 9.32
C LYS A 34 0.27 7.17 10.55
N GLY A 35 -0.75 8.00 10.35
CA GLY A 35 -1.55 8.47 11.48
C GLY A 35 -2.24 7.32 12.20
N LYS A 36 -2.84 6.41 11.43
CA LYS A 36 -3.48 5.24 12.03
C LYS A 36 -2.49 4.37 12.80
N ILE A 37 -1.33 4.08 12.22
CA ILE A 37 -0.30 3.30 12.91
C ILE A 37 0.13 4.01 14.19
N ALA A 38 0.39 5.31 14.07
CA ALA A 38 0.84 6.10 15.22
C ALA A 38 -0.14 5.96 16.38
N PHE A 39 -1.42 6.14 16.12
CA PHE A 39 -2.39 6.00 17.19
C PHE A 39 -2.56 4.56 17.67
N LEU A 40 -2.86 3.65 16.74
CA LEU A 40 -3.24 2.28 17.10
C LEU A 40 -2.14 1.53 17.85
N GLU A 41 -0.89 1.82 17.50
CA GLU A 41 0.24 1.11 18.08
C GLU A 41 1.05 1.98 19.03
N ASN A 42 0.58 3.20 19.24
CA ASN A 42 1.34 4.21 20.00
C ASN A 42 2.77 4.30 19.51
N LYS A 43 2.92 4.63 18.24
CA LYS A 43 4.22 4.72 17.60
C LYS A 43 4.50 6.14 17.14
N TYR A 44 5.08 6.92 18.02
CA TYR A 44 5.44 8.28 17.69
C TYR A 44 6.47 8.34 16.55
N ASN A 45 7.19 7.23 16.34
CA ASN A 45 8.20 7.22 15.26
C ASN A 45 7.60 7.51 13.88
N GLN A 46 6.28 7.38 13.72
CA GLN A 46 5.63 7.73 12.46
C GLN A 46 5.47 9.24 12.32
N PHE A 47 5.67 9.97 13.42
CA PHE A 47 5.58 11.43 13.45
C PHE A 47 6.95 12.10 13.49
N GLY A 48 7.90 11.47 14.18
CA GLY A 48 9.21 12.09 14.37
C GLY A 48 10.14 11.14 15.10
N THR A 49 11.37 11.60 15.33
CA THR A 49 12.36 10.74 15.95
C THR A 49 12.32 10.68 17.48
N ASP A 50 11.62 11.61 18.14
CA ASP A 50 11.57 11.58 19.60
C ASP A 50 10.54 10.58 20.10
N THR A 51 10.94 9.31 20.15
CA THR A 51 10.04 8.23 20.49
C THR A 51 9.77 8.08 21.99
N THR A 52 10.27 9.01 22.79
CA THR A 52 9.83 9.06 24.19
C THR A 52 8.42 9.62 24.29
N LYS A 53 7.99 10.36 23.26
CA LYS A 53 6.65 10.94 23.26
C LYS A 53 5.60 9.89 22.95
N ASN A 54 4.44 10.04 23.57
CA ASN A 54 3.30 9.18 23.28
C ASN A 54 2.31 9.87 22.33
N VAL A 55 1.63 9.06 21.53
CA VAL A 55 0.61 9.56 20.59
C VAL A 55 -0.74 9.58 21.27
N HIS A 56 -1.46 10.68 21.11
CA HIS A 56 -2.77 10.85 21.76
C HIS A 56 -3.95 10.85 20.82
N TRP A 57 -3.74 11.23 19.57
CA TRP A 57 -4.82 11.29 18.60
C TRP A 57 -4.24 11.31 17.18
N ALA A 58 -5.10 11.05 16.21
CA ALA A 58 -4.68 11.16 14.82
C ALA A 58 -5.77 11.77 13.95
N GLY A 59 -5.34 12.44 12.90
CA GLY A 59 -6.24 12.77 11.80
C GLY A 59 -6.12 11.71 10.73
N SER A 60 -7.26 11.28 10.18
CA SER A 60 -7.24 10.31 9.10
C SER A 60 -8.44 10.51 8.18
N ASP A 61 -8.20 10.46 6.87
CA ASP A 61 -9.31 10.36 5.93
C ASP A 61 -9.38 8.95 5.34
N SER A 62 -8.68 8.01 5.99
CA SER A 62 -8.85 6.58 5.74
C SER A 62 -9.57 5.95 6.94
N LYS A 63 -10.65 5.24 6.68
CA LYS A 63 -11.40 4.61 7.77
C LYS A 63 -10.60 3.51 8.43
N LEU A 64 -10.83 3.33 9.72
CA LEU A 64 -10.25 2.19 10.42
C LEU A 64 -10.84 0.91 9.87
N THR A 65 -9.97 -0.07 9.58
CA THR A 65 -10.42 -1.36 9.03
C THR A 65 -10.91 -2.28 10.13
N ALA A 66 -11.59 -3.36 9.75
CA ALA A 66 -12.05 -4.35 10.71
C ALA A 66 -10.88 -4.90 11.53
N THR A 67 -9.77 -5.20 10.86
CA THR A 67 -8.60 -5.72 11.54
C THR A 67 -8.00 -4.71 12.52
N GLU A 68 -7.90 -3.45 12.11
CA GLU A 68 -7.39 -2.40 12.97
C GLU A 68 -8.25 -2.25 14.23
N LEU A 69 -9.57 -2.24 14.04
CA LEU A 69 -10.49 -2.10 15.15
C LEU A 69 -10.41 -3.30 16.09
N ALA A 70 -10.39 -4.51 15.54
CA ALA A 70 -10.37 -5.72 16.36
C ALA A 70 -9.06 -5.85 17.14
N THR A 71 -7.95 -5.50 16.50
CA THR A 71 -6.66 -5.57 17.17
C THR A 71 -6.60 -4.56 18.31
N TYR A 72 -7.08 -3.35 18.09
CA TYR A 72 -7.06 -2.35 19.16
C TYR A 72 -7.96 -2.79 20.31
N ALA A 73 -9.14 -3.33 19.98
CA ALA A 73 -10.09 -3.79 21.01
C ALA A 73 -9.48 -4.87 21.89
N ALA A 74 -8.74 -5.79 21.27
CA ALA A 74 -8.12 -6.87 22.03
C ALA A 74 -6.87 -6.43 22.79
N ASP A 75 -6.01 -5.63 22.16
CA ASP A 75 -4.69 -5.34 22.70
C ASP A 75 -4.62 -4.10 23.58
N LYS A 76 -5.36 -3.05 23.21
CA LYS A 76 -5.19 -1.74 23.84
C LYS A 76 -6.38 -1.30 24.68
N GLU A 77 -7.59 -1.61 24.20
CA GLU A 77 -8.81 -1.17 24.87
C GLU A 77 -8.93 -1.52 26.37
N PRO A 78 -8.54 -2.74 26.78
CA PRO A 78 -8.69 -3.04 28.21
C PRO A 78 -7.94 -2.07 29.13
N GLY A 79 -6.76 -1.62 28.72
CA GLY A 79 -5.98 -0.72 29.54
C GLY A 79 -6.16 0.75 29.20
N TRP A 80 -6.50 1.04 27.95
CA TRP A 80 -6.53 2.42 27.48
C TRP A 80 -7.94 2.97 27.26
N GLY A 81 -8.92 2.09 27.26
CA GLY A 81 -10.28 2.50 26.93
C GLY A 81 -10.56 2.35 25.45
N LYS A 82 -11.83 2.52 25.08
CA LYS A 82 -12.28 2.45 23.69
C LYS A 82 -11.68 3.55 22.84
N LEU A 83 -11.35 3.25 21.60
CA LEU A 83 -11.04 4.33 20.69
C LEU A 83 -12.34 4.97 20.18
N ILE A 84 -12.20 6.22 19.76
CA ILE A 84 -13.28 7.03 19.20
C ILE A 84 -12.85 7.45 17.81
N GLN A 85 -13.72 7.22 16.83
CA GLN A 85 -13.49 7.65 15.45
C GLN A 85 -14.68 8.51 15.08
N VAL A 86 -14.44 9.79 14.79
CA VAL A 86 -15.53 10.69 14.41
C VAL A 86 -15.15 11.56 13.23
N PRO A 87 -16.12 11.95 12.40
N PRO A 87 -16.12 11.94 12.40
CA PRO A 87 -15.84 12.93 11.36
CA PRO A 87 -15.83 12.93 11.36
C PRO A 87 -15.39 14.24 11.98
C PRO A 87 -15.37 14.23 12.00
N SER A 88 -14.45 14.89 11.32
CA SER A 88 -13.95 16.19 11.76
C SER A 88 -14.61 17.28 10.91
N VAL A 89 -14.42 17.19 9.59
CA VAL A 89 -15.06 18.09 8.63
C VAL A 89 -15.37 17.30 7.38
N ALA A 90 -16.19 17.87 6.50
CA ALA A 90 -16.43 17.28 5.20
C ALA A 90 -15.58 18.00 4.17
N THR A 91 -15.35 17.34 3.04
CA THR A 91 -14.46 17.86 2.02
C THR A 91 -14.85 17.39 0.63
N SER A 92 -14.55 18.24 -0.35
CA SER A 92 -14.52 17.81 -1.74
C SER A 92 -13.14 17.20 -2.01
N VAL A 93 -13.01 16.51 -3.14
CA VAL A 93 -11.71 16.13 -3.66
C VAL A 93 -11.55 16.88 -4.97
N ALA A 94 -10.60 17.81 -5.01
CA ALA A 94 -10.39 18.67 -6.16
C ALA A 94 -9.49 18.01 -7.21
N ILE A 95 -9.59 18.51 -8.44
CA ILE A 95 -8.80 17.99 -9.56
C ILE A 95 -7.99 19.14 -10.19
N PRO A 96 -6.90 19.55 -9.54
CA PRO A 96 -6.05 20.61 -10.11
C PRO A 96 -5.18 20.05 -11.22
N PHE A 97 -4.78 20.90 -12.15
CA PHE A 97 -3.98 20.46 -13.28
C PHE A 97 -3.15 21.62 -13.79
N ARG A 98 -2.08 21.30 -14.51
CA ARG A 98 -1.25 22.33 -15.13
C ARG A 98 -1.31 22.20 -16.65
N LYS A 99 -2.17 23.00 -17.28
CA LYS A 99 -2.32 22.96 -18.74
C LYS A 99 -2.96 24.26 -19.17
N ALA A 100 -2.20 25.08 -19.89
CA ALA A 100 -2.68 26.41 -20.28
C ALA A 100 -3.85 26.33 -21.27
N GLY A 101 -4.74 27.31 -21.20
CA GLY A 101 -5.85 27.41 -22.12
C GLY A 101 -6.93 28.31 -21.54
N ALA A 102 -7.55 29.14 -22.38
CA ALA A 102 -8.57 30.05 -21.92
C ALA A 102 -9.88 29.35 -21.53
N ASN A 103 -10.16 28.19 -22.14
CA ASN A 103 -11.41 27.48 -21.90
C ASN A 103 -11.45 26.83 -20.53
N ALA A 104 -12.65 26.77 -19.96
CA ALA A 104 -12.87 26.03 -18.73
C ALA A 104 -12.64 24.54 -18.99
N VAL A 105 -11.91 23.89 -18.08
CA VAL A 105 -11.84 22.44 -18.08
C VAL A 105 -12.96 21.93 -17.20
N ASP A 106 -13.89 21.21 -17.81
CA ASP A 106 -15.06 20.69 -17.12
C ASP A 106 -15.15 19.21 -17.45
N LEU A 107 -14.73 18.36 -16.53
CA LEU A 107 -14.72 16.93 -16.76
C LEU A 107 -16.08 16.30 -16.56
N SER A 108 -16.54 15.54 -17.55
CA SER A 108 -17.62 14.61 -17.26
C SER A 108 -17.03 13.52 -16.37
N VAL A 109 -17.89 12.83 -15.63
CA VAL A 109 -17.42 11.71 -14.83
C VAL A 109 -16.75 10.67 -15.71
N LYS A 110 -17.32 10.42 -16.90
CA LYS A 110 -16.72 9.46 -17.82
C LYS A 110 -15.30 9.86 -18.24
N GLU A 111 -15.11 11.16 -18.51
CA GLU A 111 -13.79 11.68 -18.83
C GLU A 111 -12.82 11.57 -17.66
N LEU A 112 -13.26 11.93 -16.45
CA LEU A 112 -12.43 11.80 -15.26
C LEU A 112 -11.94 10.35 -15.14
N CYS A 113 -12.88 9.42 -15.30
CA CYS A 113 -12.57 8.00 -15.23
C CYS A 113 -11.52 7.58 -16.26
N GLY A 114 -11.65 8.09 -17.48
CA GLY A 114 -10.71 7.77 -18.54
C GLY A 114 -9.34 8.36 -18.30
N VAL A 115 -9.28 9.55 -17.72
CA VAL A 115 -8.00 10.17 -17.39
C VAL A 115 -7.26 9.31 -16.36
N PHE A 116 -7.96 8.90 -15.32
CA PHE A 116 -7.30 8.17 -14.24
C PHE A 116 -7.13 6.66 -14.49
N SER A 117 -7.77 6.12 -15.53
CA SER A 117 -7.53 4.74 -15.94
C SER A 117 -6.45 4.66 -16.99
N GLY A 118 -6.17 5.76 -17.66
CA GLY A 118 -5.22 5.76 -18.76
C GLY A 118 -5.86 5.68 -20.13
N ARG A 119 -7.17 5.45 -20.18
CA ARG A 119 -7.90 5.37 -21.45
C ARG A 119 -7.76 6.68 -22.23
N ILE A 120 -7.85 7.80 -21.53
CA ILE A 120 -7.69 9.11 -22.15
C ILE A 120 -6.29 9.62 -21.82
N ALA A 121 -5.42 9.64 -22.82
CA ALA A 121 -4.01 9.96 -22.62
C ALA A 121 -3.64 11.34 -23.13
N ASP A 122 -4.60 12.00 -23.81
CA ASP A 122 -4.35 13.30 -24.41
C ASP A 122 -5.46 14.28 -24.04
N TRP A 123 -5.08 15.53 -23.79
CA TRP A 123 -6.02 16.57 -23.39
C TRP A 123 -7.12 16.82 -24.42
N SER A 124 -6.85 16.45 -25.68
CA SER A 124 -7.85 16.62 -26.73
C SER A 124 -9.09 15.75 -26.51
N GLY A 125 -8.97 14.75 -25.64
CA GLY A 125 -10.07 13.86 -25.29
C GLY A 125 -11.02 14.45 -24.25
N ILE A 126 -10.74 15.67 -23.80
CA ILE A 126 -11.63 16.34 -22.87
C ILE A 126 -12.45 17.37 -23.65
N THR A 127 -13.74 17.09 -23.84
CA THR A 127 -14.54 17.95 -24.71
C THR A 127 -14.66 19.37 -24.16
N GLY A 128 -14.49 20.34 -25.06
CA GLY A 128 -14.66 21.74 -24.71
C GLY A 128 -13.47 22.41 -24.03
N ALA A 129 -12.44 21.65 -23.71
CA ALA A 129 -11.32 22.19 -22.94
C ALA A 129 -10.32 22.99 -23.78
N GLY A 130 -10.38 22.82 -25.11
CA GLY A 130 -9.51 23.58 -26.00
C GLY A 130 -8.04 23.34 -25.73
N ARG A 131 -7.73 22.12 -25.32
CA ARG A 131 -6.36 21.75 -24.97
C ARG A 131 -5.97 20.48 -25.70
N SER A 132 -4.70 20.34 -26.05
CA SER A 132 -4.20 19.11 -26.65
C SER A 132 -2.79 18.83 -26.19
N GLY A 133 -2.39 17.57 -26.27
CA GLY A 133 -1.10 17.14 -25.77
C GLY A 133 -1.24 16.15 -24.63
N PRO A 134 -0.14 15.48 -24.26
CA PRO A 134 -0.21 14.40 -23.27
C PRO A 134 -0.69 14.84 -21.89
N ILE A 135 -1.47 13.95 -21.27
CA ILE A 135 -1.85 14.07 -19.86
C ILE A 135 -0.90 13.22 -19.04
N GLN A 136 -0.41 13.78 -17.94
CA GLN A 136 0.42 13.01 -17.03
C GLN A 136 -0.21 13.01 -15.64
N VAL A 137 -0.56 11.82 -15.16
CA VAL A 137 -1.19 11.70 -13.84
C VAL A 137 -0.16 11.73 -12.71
N VAL A 138 -0.40 12.56 -11.69
CA VAL A 138 0.39 12.52 -10.47
C VAL A 138 -0.50 11.92 -9.39
N TYR A 139 0.08 11.04 -8.58
CA TYR A 139 -0.69 10.35 -7.53
C TYR A 139 0.14 10.25 -6.25
N ARG A 140 -0.52 9.89 -5.15
CA ARG A 140 0.16 9.73 -3.88
C ARG A 140 0.87 8.39 -3.79
N ALA A 141 2.16 8.44 -3.48
CA ALA A 141 2.97 7.23 -3.40
C ALA A 141 2.58 6.36 -2.22
N GLU A 142 2.22 7.01 -1.12
CA GLU A 142 2.04 6.34 0.17
C GLU A 142 0.57 6.15 0.52
N SER A 143 0.33 5.43 1.62
CA SER A 143 -1.03 5.20 2.12
CA SER A 143 -1.02 5.20 2.13
C SER A 143 -1.71 6.52 2.47
N SER A 144 -2.75 6.85 1.72
CA SER A 144 -3.34 8.17 1.76
C SER A 144 -4.86 8.11 1.88
N GLY A 145 -5.41 8.90 2.80
CA GLY A 145 -6.85 9.03 2.92
C GLY A 145 -7.47 9.79 1.76
N THR A 146 -6.71 10.71 1.17
CA THR A 146 -7.18 11.38 -0.05
C THR A 146 -7.36 10.33 -1.13
N THR A 147 -6.41 9.41 -1.24
CA THR A 147 -6.57 8.30 -2.17
C THR A 147 -7.81 7.47 -1.86
N GLU A 148 -8.06 7.18 -0.58
CA GLU A 148 -9.25 6.40 -0.25
C GLU A 148 -10.54 7.13 -0.65
N LEU A 149 -10.62 8.41 -0.34
CA LEU A 149 -11.80 9.20 -0.70
C LEU A 149 -12.02 9.24 -2.20
N PHE A 150 -10.92 9.36 -2.94
CA PHE A 150 -10.96 9.45 -4.40
C PHE A 150 -11.29 8.12 -5.05
N THR A 151 -10.62 7.06 -4.64
CA THR A 151 -10.87 5.74 -5.22
C THR A 151 -12.25 5.20 -4.84
N ARG A 152 -12.79 5.67 -3.72
CA ARG A 152 -14.17 5.28 -3.40
C ARG A 152 -15.11 5.83 -4.46
N PHE A 153 -14.85 7.05 -4.93
CA PHE A 153 -15.64 7.64 -6.00
C PHE A 153 -15.43 6.89 -7.32
N LEU A 154 -14.18 6.61 -7.67
CA LEU A 154 -13.89 5.90 -8.91
C LEU A 154 -14.53 4.51 -8.90
N ASN A 155 -14.46 3.85 -7.76
CA ASN A 155 -15.09 2.54 -7.62
C ASN A 155 -16.60 2.57 -7.86
N ALA A 156 -17.25 3.63 -7.39
CA ALA A 156 -18.69 3.76 -7.52
C ALA A 156 -19.12 4.19 -8.91
N LYS A 157 -18.31 5.03 -9.57
CA LYS A 157 -18.76 5.77 -10.75
C LYS A 157 -18.07 5.42 -12.06
N CYS A 158 -16.90 4.79 -11.98
CA CYS A 158 -16.17 4.45 -13.21
C CYS A 158 -16.52 3.01 -13.60
N THR A 159 -17.68 2.86 -14.22
CA THR A 159 -18.28 1.55 -14.41
C THR A 159 -18.19 1.04 -15.85
N THR A 160 -17.54 1.80 -16.73
CA THR A 160 -17.39 1.37 -18.12
C THR A 160 -15.97 1.54 -18.65
N GLU A 161 -15.00 1.40 -17.76
CA GLU A 161 -13.59 1.32 -18.19
C GLU A 161 -13.26 -0.14 -18.49
N PRO A 162 -12.11 -0.40 -19.13
CA PRO A 162 -11.76 -1.81 -19.34
C PRO A 162 -11.59 -2.55 -18.01
N GLY A 163 -10.95 -1.89 -17.05
CA GLY A 163 -10.80 -2.42 -15.70
C GLY A 163 -11.72 -1.70 -14.73
N THR A 164 -11.57 -2.03 -13.44
CA THR A 164 -12.33 -1.36 -12.38
C THR A 164 -11.37 -0.87 -11.30
N PHE A 165 -11.80 0.14 -10.56
CA PHE A 165 -10.99 0.70 -9.49
C PHE A 165 -11.46 0.17 -8.15
N ALA A 166 -10.53 -0.44 -7.40
CA ALA A 166 -10.81 -0.85 -6.04
C ALA A 166 -10.62 0.31 -5.07
N VAL A 167 -11.36 0.28 -3.98
CA VAL A 167 -11.19 1.27 -2.92
C VAL A 167 -9.91 0.96 -2.14
N THR A 168 -9.00 1.92 -2.05
CA THR A 168 -7.71 1.67 -1.44
C THR A 168 -7.06 2.97 -0.98
N THR A 169 -6.08 2.85 -0.08
CA THR A 169 -5.25 3.99 0.31
C THR A 169 -4.01 4.12 -0.57
N THR A 170 -3.75 3.11 -1.40
CA THR A 170 -2.59 3.11 -2.28
C THR A 170 -3.02 3.16 -3.75
N PHE A 171 -2.92 4.34 -4.36
CA PHE A 171 -3.46 4.53 -5.71
C PHE A 171 -2.92 3.52 -6.70
N ALA A 172 -1.64 3.20 -6.58
CA ALA A 172 -1.01 2.25 -7.51
C ALA A 172 -1.66 0.87 -7.49
N ASN A 173 -2.42 0.57 -6.45
CA ASN A 173 -3.12 -0.70 -6.31
C ASN A 173 -4.60 -0.65 -6.68
N SER A 174 -5.09 0.51 -7.10
CA SER A 174 -6.53 0.67 -7.32
C SER A 174 -7.05 0.01 -8.60
N TYR A 175 -6.54 0.43 -9.74
CA TYR A 175 -7.09 -0.06 -11.01
C TYR A 175 -6.72 -1.53 -11.22
N SER A 176 -7.71 -2.32 -11.63
CA SER A 176 -7.51 -3.76 -11.74
C SER A 176 -6.39 -4.13 -12.72
N LEU A 177 -6.18 -3.30 -13.74
CA LEU A 177 -5.15 -3.54 -14.74
C LEU A 177 -3.84 -2.82 -14.43
N GLY A 178 -3.75 -2.24 -13.23
CA GLY A 178 -2.52 -1.61 -12.77
C GLY A 178 -2.32 -0.23 -13.36
N LEU A 179 -1.18 0.38 -13.03
CA LEU A 179 -0.82 1.70 -13.55
C LEU A 179 -0.19 1.61 -14.93
N THR A 180 0.13 0.40 -15.37
CA THR A 180 0.78 0.22 -16.68
C THR A 180 0.12 0.98 -17.85
N PRO A 181 -1.23 1.00 -17.91
CA PRO A 181 -1.87 1.75 -19.00
C PRO A 181 -1.52 3.24 -19.02
N LEU A 182 -1.15 3.81 -17.87
CA LEU A 182 -0.71 5.20 -17.81
C LEU A 182 0.75 5.33 -18.24
N ALA A 183 1.03 6.34 -19.05
CA ALA A 183 2.40 6.62 -19.45
C ALA A 183 3.00 7.66 -18.52
N GLY A 184 4.10 7.30 -17.89
CA GLY A 184 4.86 8.22 -17.06
C GLY A 184 4.12 8.82 -15.88
N ALA A 185 3.19 8.07 -15.29
CA ALA A 185 2.53 8.56 -14.09
C ALA A 185 3.58 8.77 -12.99
N VAL A 186 3.41 9.83 -12.22
CA VAL A 186 4.39 10.26 -11.22
C VAL A 186 3.85 10.10 -9.81
N ALA A 187 4.60 9.43 -8.94
CA ALA A 187 4.23 9.30 -7.53
C ALA A 187 4.94 10.36 -6.70
N ALA A 188 4.23 10.94 -5.73
CA ALA A 188 4.85 11.87 -4.79
C ALA A 188 4.25 11.69 -3.41
N THR A 189 4.95 12.24 -2.41
CA THR A 189 4.58 12.01 -1.01
C THR A 189 3.96 13.25 -0.40
N GLY A 190 2.80 13.05 0.25
CA GLY A 190 2.07 14.12 0.91
C GLY A 190 1.28 14.98 -0.06
N SER A 191 0.27 15.67 0.46
CA SER A 191 -0.46 16.64 -0.35
C SER A 191 0.51 17.67 -0.93
N ASP A 192 1.44 18.14 -0.10
CA ASP A 192 2.40 19.14 -0.57
C ASP A 192 3.35 18.60 -1.64
N GLY A 193 3.79 17.35 -1.52
CA GLY A 193 4.68 16.76 -2.51
C GLY A 193 4.00 16.61 -3.86
N VAL A 194 2.73 16.21 -3.84
CA VAL A 194 1.98 16.10 -5.08
C VAL A 194 1.79 17.48 -5.72
N MET A 195 1.45 18.49 -4.94
CA MET A 195 1.28 19.82 -5.52
C MET A 195 2.59 20.37 -6.07
N ALA A 196 3.70 20.07 -5.41
CA ALA A 196 5.01 20.50 -5.89
C ALA A 196 5.32 19.84 -7.26
N ALA A 197 4.99 18.57 -7.39
CA ALA A 197 5.14 17.89 -8.68
C ALA A 197 4.21 18.48 -9.75
N LEU A 198 2.97 18.74 -9.36
CA LEU A 198 2.00 19.33 -10.27
C LEU A 198 2.49 20.68 -10.80
N ASN A 199 3.07 21.48 -9.90
CA ASN A 199 3.50 22.84 -10.23
C ASN A 199 4.94 22.95 -10.73
N ASP A 200 5.63 21.83 -10.86
CA ASP A 200 7.03 21.81 -11.29
C ASP A 200 7.15 22.36 -12.72
N THR A 201 7.79 23.52 -12.87
CA THR A 201 7.91 24.15 -14.18
C THR A 201 9.12 23.66 -14.98
N THR A 202 9.87 22.72 -14.42
CA THR A 202 11.03 22.16 -15.13
C THR A 202 10.64 21.03 -16.05
N VAL A 203 9.37 20.63 -16.00
CA VAL A 203 8.85 19.61 -16.89
C VAL A 203 7.76 20.21 -17.77
N ALA A 204 7.41 19.51 -18.84
CA ALA A 204 6.37 20.00 -19.73
C ALA A 204 5.01 20.06 -19.04
N GLU A 205 4.14 20.95 -19.51
CA GLU A 205 2.77 21.03 -19.01
C GLU A 205 2.04 19.73 -19.27
N GLY A 206 0.93 19.53 -18.56
CA GLY A 206 0.06 18.40 -18.81
C GLY A 206 -0.34 17.60 -17.58
N ARG A 207 0.28 17.89 -16.44
CA ARG A 207 0.01 17.11 -15.24
C ARG A 207 -1.36 17.39 -14.64
N ILE A 208 -1.92 16.35 -14.02
CA ILE A 208 -3.22 16.44 -13.38
C ILE A 208 -3.19 15.53 -12.14
N THR A 209 -3.97 15.88 -11.12
CA THR A 209 -4.02 15.05 -9.92
C THR A 209 -5.34 15.20 -9.18
N TYR A 210 -5.44 14.50 -8.05
CA TYR A 210 -6.59 14.62 -7.14
C TYR A 210 -6.02 15.18 -5.82
N MET A 211 -6.79 16.00 -5.12
CA MET A 211 -6.18 16.82 -4.08
C MET A 211 -7.15 17.42 -3.07
N SER A 212 -6.70 17.50 -1.83
CA SER A 212 -7.35 18.32 -0.81
C SER A 212 -7.66 19.71 -1.37
N PRO A 213 -8.90 20.20 -1.18
CA PRO A 213 -9.21 21.52 -1.72
C PRO A 213 -8.41 22.65 -1.05
N ASP A 214 -7.91 22.41 0.16
CA ASP A 214 -7.08 23.39 0.86
C ASP A 214 -5.71 23.52 0.21
N PHE A 215 -5.29 22.50 -0.53
CA PHE A 215 -4.00 22.51 -1.21
C PHE A 215 -4.11 22.77 -2.71
N ALA A 216 -5.30 22.56 -3.27
CA ALA A 216 -5.47 22.53 -4.72
C ALA A 216 -5.33 23.89 -5.39
N ALA A 217 -5.49 24.96 -4.62
CA ALA A 217 -5.27 26.32 -5.10
C ALA A 217 -4.75 27.16 -3.94
N PRO A 218 -4.02 28.24 -4.24
CA PRO A 218 -3.47 29.10 -3.19
C PRO A 218 -4.53 29.81 -2.36
N THR A 219 -5.71 30.08 -2.93
CA THR A 219 -6.82 30.69 -2.19
C THR A 219 -8.14 30.02 -2.58
N LEU A 220 -9.19 30.31 -1.82
CA LEU A 220 -10.51 29.75 -2.12
C LEU A 220 -10.95 30.14 -3.53
N ALA A 221 -10.72 31.40 -3.90
CA ALA A 221 -11.12 31.88 -5.22
C ALA A 221 -10.50 31.04 -6.34
N GLY A 222 -9.27 30.58 -6.11
CA GLY A 222 -8.56 29.77 -7.09
C GLY A 222 -9.25 28.45 -7.42
N LEU A 223 -10.05 27.93 -6.49
CA LEU A 223 -10.81 26.70 -6.75
C LEU A 223 -11.85 26.89 -7.86
N ASP A 224 -12.22 28.15 -8.11
CA ASP A 224 -13.23 28.46 -9.12
C ASP A 224 -12.61 28.83 -10.46
N ASP A 225 -11.29 28.76 -10.56
CA ASP A 225 -10.60 29.05 -11.82
C ASP A 225 -10.48 27.74 -12.59
N ALA A 226 -11.37 27.55 -13.55
CA ALA A 226 -11.42 26.28 -14.27
C ALA A 226 -10.32 26.13 -15.32
N THR A 227 -9.41 27.11 -15.39
CA THR A 227 -8.21 26.92 -16.20
C THR A 227 -7.08 26.31 -15.36
N LYS A 228 -7.35 26.05 -14.08
CA LYS A 228 -6.36 25.50 -13.16
C LYS A 228 -6.91 24.37 -12.28
N VAL A 229 -8.19 24.46 -11.95
CA VAL A 229 -8.85 23.45 -11.14
C VAL A 229 -10.10 23.01 -11.89
N ALA A 230 -10.18 21.74 -12.25
CA ALA A 230 -11.25 21.29 -13.14
C ALA A 230 -12.63 21.37 -12.48
N ARG A 231 -13.64 21.80 -13.24
CA ARG A 231 -15.01 21.49 -12.84
C ARG A 231 -15.24 20.00 -13.09
N VAL A 232 -16.13 19.39 -12.32
CA VAL A 232 -16.50 18.00 -12.54
C VAL A 232 -18.02 17.87 -12.52
N GLY A 233 -18.57 17.11 -13.47
CA GLY A 233 -19.99 16.87 -13.50
C GLY A 233 -20.67 17.22 -14.82
N LYS A 234 -19.88 17.66 -15.79
CA LYS A 234 -20.39 17.92 -17.14
C LYS A 234 -21.20 16.74 -17.65
N GLY A 235 -22.37 17.01 -18.20
CA GLY A 235 -23.19 15.94 -18.74
C GLY A 235 -24.48 16.43 -19.37
N VAL A 236 -25.42 15.50 -19.46
CA VAL A 236 -26.74 15.79 -20.01
C VAL A 236 -27.77 15.22 -19.05
N VAL A 237 -28.65 16.07 -18.55
CA VAL A 237 -29.66 15.64 -17.58
C VAL A 237 -31.04 16.05 -18.05
N ASN A 238 -31.93 15.07 -18.18
CA ASN A 238 -33.25 15.29 -18.77
C ASN A 238 -33.17 16.05 -20.09
N GLY A 239 -32.25 15.58 -20.95
CA GLY A 239 -32.13 16.08 -22.30
C GLY A 239 -31.35 17.36 -22.47
N VAL A 240 -30.90 17.95 -21.37
CA VAL A 240 -30.27 19.27 -21.41
C VAL A 240 -28.83 19.26 -20.92
N ALA A 241 -27.94 19.90 -21.66
CA ALA A 241 -26.52 20.00 -21.30
C ALA A 241 -26.37 20.69 -19.95
N VAL A 242 -25.63 20.04 -19.05
CA VAL A 242 -25.34 20.63 -17.75
C VAL A 242 -23.83 20.84 -17.59
N GLU A 243 -23.45 21.91 -16.93
CA GLU A 243 -22.05 22.15 -16.62
C GLU A 243 -21.71 21.49 -15.29
N GLY A 244 -20.47 21.03 -15.16
CA GLY A 244 -20.01 20.55 -13.88
C GLY A 244 -19.78 21.70 -12.91
N LYS A 245 -19.46 21.36 -11.66
CA LYS A 245 -19.22 22.36 -10.63
C LYS A 245 -17.76 22.40 -10.20
N SER A 246 -17.36 23.52 -9.63
CA SER A 246 -16.05 23.63 -8.98
C SER A 246 -16.10 22.85 -7.67
N PRO A 247 -14.92 22.49 -7.13
CA PRO A 247 -14.89 21.79 -5.83
C PRO A 247 -14.97 22.75 -4.64
N ALA A 248 -15.43 23.97 -4.86
CA ALA A 248 -15.66 24.89 -3.75
C ALA A 248 -16.63 24.25 -2.76
N ALA A 249 -16.44 24.54 -1.48
CA ALA A 249 -17.22 23.89 -0.44
C ALA A 249 -18.72 24.11 -0.59
N ALA A 250 -19.10 25.26 -1.14
CA ALA A 250 -20.52 25.58 -1.37
C ALA A 250 -21.19 24.55 -2.29
N ASN A 251 -20.38 23.90 -3.12
CA ASN A 251 -20.92 22.92 -4.06
C ASN A 251 -21.03 21.50 -3.49
N VAL A 252 -20.53 21.26 -2.28
CA VAL A 252 -20.79 19.97 -1.64
C VAL A 252 -21.58 20.06 -0.33
N SER A 253 -21.78 21.27 0.18
N SER A 253 -21.78 21.26 0.19
CA SER A 253 -22.44 21.47 1.48
CA SER A 253 -22.43 21.44 1.48
C SER A 253 -23.85 20.88 1.55
C SER A 253 -23.86 20.89 1.56
N ALA A 254 -24.64 21.07 0.50
CA ALA A 254 -26.01 20.56 0.50
C ALA A 254 -26.06 19.04 0.63
N ALA A 255 -25.21 18.36 -0.12
CA ALA A 255 -25.15 16.90 -0.03
C ALA A 255 -24.73 16.45 1.36
N ILE A 256 -23.76 17.13 1.95
CA ILE A 256 -23.30 16.77 3.28
C ILE A 256 -24.43 16.94 4.31
N SER A 257 -25.24 17.97 4.13
CA SER A 257 -26.25 18.31 5.13
C SER A 257 -27.28 17.20 5.37
N VAL A 258 -27.51 16.35 4.37
CA VAL A 258 -28.50 15.28 4.49
C VAL A 258 -27.90 13.88 4.70
N VAL A 259 -26.62 13.79 5.01
CA VAL A 259 -26.01 12.51 5.34
C VAL A 259 -26.63 12.01 6.65
N PRO A 260 -27.19 10.79 6.65
CA PRO A 260 -27.85 10.31 7.87
C PRO A 260 -26.89 10.17 9.06
N LEU A 261 -27.40 10.41 10.26
CA LEU A 261 -26.62 10.19 11.48
C LEU A 261 -26.25 8.72 11.66
N PRO A 262 -25.15 8.45 12.39
CA PRO A 262 -24.82 7.04 12.66
C PRO A 262 -25.95 6.36 13.44
N ALA A 263 -26.23 5.10 13.11
CA ALA A 263 -27.32 4.37 13.77
C ALA A 263 -27.16 4.37 15.29
N ALA A 264 -28.15 4.94 15.98
CA ALA A 264 -28.09 5.15 17.42
C ALA A 264 -27.67 3.91 18.19
N ALA A 265 -28.28 2.76 17.90
CA ALA A 265 -28.01 1.58 18.67
C ALA A 265 -26.58 1.07 18.52
N ASP A 266 -25.91 1.49 17.44
CA ASP A 266 -24.56 1.01 17.16
C ASP A 266 -23.50 2.08 17.39
N ARG A 267 -23.83 3.13 18.12
CA ARG A 267 -22.87 4.22 18.29
C ARG A 267 -21.63 3.86 19.13
N GLY A 268 -21.64 2.70 19.78
CA GLY A 268 -20.46 2.17 20.41
C GLY A 268 -19.49 1.52 19.43
N ASN A 269 -19.89 1.42 18.17
CA ASN A 269 -19.05 0.86 17.13
C ASN A 269 -18.44 2.00 16.31
N PRO A 270 -17.12 2.21 16.44
CA PRO A 270 -16.52 3.36 15.72
C PRO A 270 -16.73 3.33 14.22
N ASP A 271 -16.96 2.16 13.64
CA ASP A 271 -17.13 2.07 12.20
C ASP A 271 -18.36 2.84 11.70
N VAL A 272 -19.41 2.92 12.50
CA VAL A 272 -20.63 3.58 12.00
C VAL A 272 -20.54 5.10 12.01
N TRP A 273 -19.55 5.65 12.69
CA TRP A 273 -19.44 7.09 12.82
C TRP A 273 -18.93 7.80 11.57
N VAL A 274 -18.29 7.07 10.66
CA VAL A 274 -17.77 7.69 9.45
C VAL A 274 -18.57 7.22 8.25
N PRO A 275 -19.42 8.10 7.72
CA PRO A 275 -20.21 7.72 6.54
C PRO A 275 -19.29 7.56 5.35
N VAL A 276 -19.59 6.59 4.48
CA VAL A 276 -18.91 6.53 3.20
C VAL A 276 -19.93 6.64 2.09
N PHE A 277 -19.50 7.26 1.01
CA PHE A 277 -20.36 7.38 -0.15
C PHE A 277 -20.21 6.18 -1.08
N GLY A 278 -21.24 5.93 -1.88
CA GLY A 278 -21.23 4.82 -2.81
C GLY A 278 -22.23 5.05 -3.92
N ALA A 279 -22.36 4.07 -4.81
CA ALA A 279 -23.22 4.21 -5.98
C ALA A 279 -24.67 4.43 -5.56
N THR A 280 -25.14 3.58 -4.65
CA THR A 280 -26.53 3.63 -4.21
C THR A 280 -26.64 3.82 -2.70
N THR A 281 -27.70 4.52 -2.28
CA THR A 281 -28.00 4.67 -0.86
C THR A 281 -28.60 3.36 -0.34
N GLY A 282 -28.24 2.99 0.88
CA GLY A 282 -28.75 1.78 1.48
C GLY A 282 -27.71 1.11 2.36
N GLY A 283 -28.16 0.56 3.48
CA GLY A 283 -27.29 -0.17 4.36
C GLY A 283 -26.12 0.61 4.94
N GLY A 284 -26.33 1.89 5.25
CA GLY A 284 -25.28 2.70 5.85
C GLY A 284 -24.49 3.52 4.85
N VAL A 285 -24.48 3.07 3.59
CA VAL A 285 -23.79 3.79 2.53
C VAL A 285 -24.67 4.92 1.99
N VAL A 286 -24.06 6.09 1.76
CA VAL A 286 -24.77 7.24 1.20
C VAL A 286 -24.46 7.39 -0.28
N ALA A 287 -25.49 7.52 -1.11
CA ALA A 287 -25.25 7.68 -2.54
C ALA A 287 -24.49 8.96 -2.84
N TYR A 288 -23.49 8.88 -3.73
CA TYR A 288 -22.86 10.10 -4.25
C TYR A 288 -23.97 10.97 -4.83
N PRO A 289 -23.89 12.28 -4.60
CA PRO A 289 -24.97 13.19 -5.00
C PRO A 289 -25.06 13.37 -6.50
N ASP A 290 -26.28 13.52 -7.00
CA ASP A 290 -26.48 13.78 -8.43
C ASP A 290 -26.57 15.27 -8.74
N SER A 291 -26.38 16.10 -7.72
CA SER A 291 -26.31 17.55 -7.90
C SER A 291 -25.07 18.06 -7.19
N GLY A 292 -24.66 19.29 -7.51
CA GLY A 292 -23.48 19.88 -6.89
C GLY A 292 -22.21 19.21 -7.37
N TYR A 293 -21.12 19.42 -6.66
CA TYR A 293 -19.84 18.76 -6.97
C TYR A 293 -19.88 17.31 -6.51
N PRO A 294 -19.49 16.37 -7.39
CA PRO A 294 -19.77 14.96 -7.11
C PRO A 294 -18.79 14.21 -6.20
N ILE A 295 -17.55 14.68 -6.06
CA ILE A 295 -16.56 13.91 -5.33
C ILE A 295 -16.36 14.51 -3.95
N LEU A 296 -16.86 13.81 -2.94
CA LEU A 296 -16.84 14.33 -1.58
C LEU A 296 -16.68 13.21 -0.57
N GLY A 297 -16.42 13.58 0.67
CA GLY A 297 -16.31 12.63 1.76
C GLY A 297 -15.96 13.31 3.06
N PHE A 298 -15.62 12.51 4.07
CA PHE A 298 -15.25 13.03 5.37
C PHE A 298 -13.78 12.78 5.69
N THR A 299 -13.20 13.72 6.43
CA THR A 299 -11.93 13.46 7.10
C THR A 299 -12.20 13.42 8.60
N ASN A 300 -11.45 12.61 9.32
CA ASN A 300 -11.86 12.14 10.64
C ASN A 300 -10.82 12.35 11.72
N LEU A 301 -11.27 12.25 12.96
CA LEU A 301 -10.40 12.26 14.13
C LEU A 301 -10.44 10.90 14.80
N ILE A 302 -9.30 10.46 15.32
CA ILE A 302 -9.22 9.25 16.13
C ILE A 302 -8.64 9.63 17.48
N PHE A 303 -9.41 9.38 18.53
CA PHE A 303 -9.02 9.73 19.90
C PHE A 303 -9.25 8.51 20.80
N SER A 304 -8.80 8.61 22.03
CA SER A 304 -9.16 7.65 23.06
C SER A 304 -10.30 8.18 23.91
N GLN A 305 -11.15 7.28 24.41
CA GLN A 305 -12.13 7.69 25.40
C GLN A 305 -11.45 8.06 26.73
N CYS A 306 -10.31 7.44 27.00
CA CYS A 306 -9.65 7.58 28.30
C CYS A 306 -8.18 7.97 28.17
N TYR A 307 -7.76 8.87 29.04
CA TYR A 307 -6.38 9.31 29.17
C TYR A 307 -5.95 9.18 30.62
N ALA A 308 -4.75 8.64 30.83
CA ALA A 308 -4.25 8.47 32.19
C ALA A 308 -4.13 9.81 32.92
N ASN A 309 -3.82 10.86 32.18
CA ASN A 309 -3.57 12.18 32.74
C ASN A 309 -4.84 13.02 32.75
N ALA A 310 -5.25 13.50 33.91
CA ALA A 310 -6.52 14.19 34.06
C ALA A 310 -6.54 15.57 33.38
N THR A 311 -5.39 16.24 33.36
CA THR A 311 -5.29 17.50 32.61
C THR A 311 -5.45 17.26 31.12
N GLN A 312 -4.81 16.23 30.58
CA GLN A 312 -5.00 15.90 29.16
C GLN A 312 -6.46 15.58 28.87
N THR A 313 -7.10 14.83 29.76
CA THR A 313 -8.51 14.50 29.60
C THR A 313 -9.36 15.76 29.46
N GLY A 314 -9.15 16.71 30.35
CA GLY A 314 -9.89 17.97 30.31
C GLY A 314 -9.60 18.75 29.03
N GLN A 315 -8.34 18.77 28.62
CA GLN A 315 -7.96 19.51 27.42
C GLN A 315 -8.55 18.88 26.15
N VAL A 316 -8.65 17.56 26.12
CA VAL A 316 -9.29 16.90 24.99
C VAL A 316 -10.79 17.23 24.95
N ARG A 317 -11.43 17.20 26.11
CA ARG A 317 -12.84 17.58 26.19
C ARG A 317 -13.05 19.02 25.74
N ASP A 318 -12.16 19.92 26.12
CA ASP A 318 -12.28 21.31 25.69
C ASP A 318 -12.17 21.43 24.18
N PHE A 319 -11.29 20.64 23.57
CA PHE A 319 -11.18 20.65 22.11
C PHE A 319 -12.48 20.16 21.47
N PHE A 320 -13.04 19.06 21.98
CA PHE A 320 -14.31 18.58 21.43
C PHE A 320 -15.43 19.61 21.61
N THR A 321 -15.42 20.31 22.74
CA THR A 321 -16.44 21.32 23.01
C THR A 321 -16.39 22.43 21.97
N LYS A 322 -15.19 22.80 21.56
CA LYS A 322 -15.02 23.79 20.50
C LYS A 322 -15.34 23.23 19.12
N HIS A 323 -14.69 22.13 18.75
CA HIS A 323 -14.78 21.63 17.40
C HIS A 323 -16.19 21.17 17.04
N TYR A 324 -16.95 20.75 18.05
CA TYR A 324 -18.33 20.31 17.84
C TYR A 324 -19.34 21.22 18.54
N GLY A 325 -18.94 22.44 18.86
CA GLY A 325 -19.82 23.37 19.55
C GLY A 325 -20.92 23.95 18.67
N THR A 326 -22.07 24.21 19.27
CA THR A 326 -23.14 24.93 18.57
C THR A 326 -22.64 26.32 18.22
N SER A 327 -21.91 26.94 19.14
CA SER A 327 -21.26 28.23 18.90
C SER A 327 -19.85 28.18 19.47
N ALA A 328 -19.11 29.28 19.35
CA ALA A 328 -17.72 29.37 19.80
C ALA A 328 -16.92 28.18 19.26
N ASN A 329 -17.05 27.96 17.95
CA ASN A 329 -16.53 26.73 17.36
C ASN A 329 -15.46 27.03 16.31
N ASN A 330 -15.07 26.01 15.55
CA ASN A 330 -14.05 26.18 14.52
C ASN A 330 -14.62 26.37 13.11
N ASP A 331 -15.92 26.63 12.98
CA ASP A 331 -16.53 26.60 11.66
C ASP A 331 -15.99 27.68 10.71
N ALA A 332 -15.70 28.88 11.22
CA ALA A 332 -15.15 29.91 10.35
C ALA A 332 -13.79 29.48 9.80
N ALA A 333 -12.96 28.89 10.66
CA ALA A 333 -11.65 28.40 10.24
C ALA A 333 -11.77 27.24 9.26
N ILE A 334 -12.72 26.35 9.52
CA ILE A 334 -12.99 25.23 8.62
C ILE A 334 -13.33 25.73 7.22
N GLU A 335 -14.22 26.71 7.13
CA GLU A 335 -14.58 27.27 5.83
C GLU A 335 -13.41 28.02 5.19
N ALA A 336 -12.61 28.71 5.99
CA ALA A 336 -11.51 29.49 5.43
C ALA A 336 -10.48 28.59 4.77
N ASN A 337 -10.45 27.33 5.19
CA ASN A 337 -9.51 26.36 4.64
C ASN A 337 -10.15 25.37 3.66
N ALA A 338 -11.24 25.81 3.04
CA ALA A 338 -11.88 25.14 1.90
C ALA A 338 -12.68 23.90 2.27
N PHE A 339 -13.03 23.76 3.55
CA PHE A 339 -13.78 22.59 4.00
C PHE A 339 -15.22 22.92 4.37
N VAL A 340 -16.00 21.88 4.62
CA VAL A 340 -17.41 22.03 4.98
C VAL A 340 -17.60 21.65 6.44
N PRO A 341 -18.13 22.56 7.25
CA PRO A 341 -18.44 22.20 8.64
C PRO A 341 -19.42 21.06 8.72
N LEU A 342 -19.36 20.30 9.81
CA LEU A 342 -20.38 19.28 10.03
C LEU A 342 -21.73 19.95 10.29
N PRO A 343 -22.82 19.36 9.77
CA PRO A 343 -24.15 19.87 10.08
C PRO A 343 -24.44 19.83 11.58
N SER A 344 -25.38 20.66 12.01
CA SER A 344 -25.68 20.80 13.44
C SER A 344 -26.13 19.50 14.10
N ASN A 345 -26.88 18.67 13.37
CA ASN A 345 -27.31 17.39 13.94
C ASN A 345 -26.13 16.45 14.17
N TRP A 346 -25.13 16.52 13.29
CA TRP A 346 -23.90 15.76 13.46
C TRP A 346 -23.08 16.26 14.65
N LYS A 347 -22.94 17.57 14.80
CA LYS A 347 -22.26 18.09 15.98
C LYS A 347 -22.97 17.62 17.25
N ALA A 348 -24.30 17.73 17.26
CA ALA A 348 -25.06 17.32 18.44
C ALA A 348 -24.88 15.84 18.76
N ALA A 349 -24.84 14.99 17.73
CA ALA A 349 -24.65 13.56 17.94
C ALA A 349 -23.27 13.28 18.54
N VAL A 350 -22.23 13.93 18.00
CA VAL A 350 -20.88 13.76 18.52
C VAL A 350 -20.82 14.19 19.99
N ARG A 351 -21.39 15.34 20.30
CA ARG A 351 -21.40 15.78 21.70
C ARG A 351 -22.14 14.80 22.61
N ALA A 352 -23.29 14.32 22.15
CA ALA A 352 -24.15 13.49 22.99
C ALA A 352 -23.49 12.18 23.39
N SER A 353 -22.67 11.61 22.49
CA SER A 353 -21.95 10.39 22.83
C SER A 353 -20.63 10.66 23.55
N PHE A 354 -19.86 11.63 23.07
CA PHE A 354 -18.46 11.71 23.48
C PHE A 354 -18.14 12.81 24.45
N LEU A 355 -19.10 13.72 24.65
N LEU A 355 -19.08 13.75 24.63
N LEU A 355 -19.07 13.74 24.62
CA LEU A 355 -18.90 14.85 25.55
CA LEU A 355 -18.89 14.83 25.59
CA LEU A 355 -18.89 14.83 25.60
C LEU A 355 -19.79 14.74 26.79
C LEU A 355 -19.79 14.70 26.81
C LEU A 355 -19.79 14.70 26.82
N THR A 356 -21.09 14.56 26.59
CA THR A 356 -22.06 14.48 27.69
C THR A 356 -21.65 13.46 28.75
N ALA A 357 -21.38 13.95 29.95
CA ALA A 357 -20.67 13.14 30.96
C ALA A 357 -21.36 11.82 31.28
N SER A 358 -22.70 11.85 31.34
CA SER A 358 -23.47 10.68 31.70
C SER A 358 -23.40 9.53 30.68
N ASN A 359 -23.05 9.84 29.44
CA ASN A 359 -23.01 8.82 28.39
C ASN A 359 -21.84 7.87 28.62
N ALA A 360 -22.09 6.57 28.44
CA ALA A 360 -21.07 5.55 28.63
C ALA A 360 -19.87 5.69 27.69
N LEU A 361 -20.05 6.45 26.60
CA LEU A 361 -19.00 6.63 25.60
C LEU A 361 -18.21 7.92 25.80
N SER A 362 -18.55 8.70 26.82
CA SER A 362 -18.00 10.04 26.92
C SER A 362 -16.53 10.05 27.35
N ILE A 363 -15.78 10.96 26.74
CA ILE A 363 -14.38 11.13 27.08
C ILE A 363 -14.21 11.45 28.55
N GLY A 364 -13.36 10.68 29.22
CA GLY A 364 -13.10 10.88 30.64
C GLY A 364 -14.20 10.40 31.59
N ASN A 365 -15.19 9.67 31.08
CA ASN A 365 -16.25 9.14 31.93
C ASN A 365 -15.61 8.44 33.13
N THR A 366 -15.94 8.88 34.33
CA THR A 366 -15.24 8.45 35.54
C THR A 366 -15.43 6.96 35.84
N ASN A 367 -16.60 6.44 35.47
CA ASN A 367 -16.92 5.04 35.70
C ASN A 367 -16.15 4.16 34.73
N VAL A 368 -16.18 4.52 33.45
CA VAL A 368 -15.50 3.77 32.39
C VAL A 368 -13.99 3.90 32.50
N CYS A 369 -13.50 5.10 32.77
CA CYS A 369 -12.07 5.37 32.65
C CYS A 369 -11.32 5.18 33.95
N ASN A 370 -12.04 4.77 34.99
CA ASN A 370 -11.48 4.46 36.31
C ASN A 370 -10.22 3.58 36.20
N GLY A 371 -9.06 4.17 36.47
CA GLY A 371 -7.80 3.42 36.45
C GLY A 371 -7.28 3.03 35.07
N LYS A 372 -7.77 3.71 34.05
N LYS A 372 -7.84 3.64 34.03
CA LYS A 372 -7.40 3.39 32.68
CA LYS A 372 -7.44 3.35 32.65
C LYS A 372 -7.02 4.63 31.90
C LYS A 372 -7.00 4.61 31.92
N GLY A 373 -6.49 4.42 30.70
CA GLY A 373 -6.21 5.54 29.82
C GLY A 373 -4.87 5.49 29.13
N ARG A 374 -4.81 6.09 27.95
CA ARG A 374 -3.54 6.19 27.23
C ARG A 374 -2.51 6.99 28.02
N PRO A 375 -1.22 6.65 27.86
CA PRO A 375 -0.18 7.32 28.64
C PRO A 375 0.04 8.78 28.23
N GLN A 376 0.47 9.61 29.17
CA GLN A 376 0.61 11.03 28.88
C GLN A 376 1.83 11.32 28.04
N ASP B 1 -8.69 -24.01 -18.89
CA ASP B 1 -7.28 -23.87 -18.52
C ASP B 1 -7.12 -23.75 -17.02
N ILE B 2 -5.94 -24.11 -16.53
CA ILE B 2 -5.54 -23.77 -15.18
C ILE B 2 -4.89 -22.39 -15.21
N ASN B 3 -5.46 -21.44 -14.48
CA ASN B 3 -5.07 -20.04 -14.58
C ASN B 3 -4.31 -19.53 -13.37
N GLY B 4 -3.09 -19.04 -13.61
CA GLY B 4 -2.26 -18.52 -12.53
C GLY B 4 -1.55 -17.24 -12.90
N GLY B 5 -0.99 -16.58 -11.89
CA GLY B 5 -0.32 -15.31 -12.12
C GLY B 5 0.09 -14.72 -10.79
N GLY B 6 0.60 -13.50 -10.80
CA GLY B 6 1.03 -12.85 -9.58
C GLY B 6 2.42 -12.27 -9.67
N ALA B 7 3.27 -12.65 -8.73
CA ALA B 7 4.65 -12.15 -8.61
C ALA B 7 5.36 -12.01 -9.95
N THR B 8 5.96 -10.84 -10.18
CA THR B 8 6.80 -10.65 -11.36
C THR B 8 8.23 -11.11 -11.16
N LEU B 9 8.70 -11.14 -9.91
CA LEU B 9 10.09 -11.59 -9.68
C LEU B 9 10.45 -12.91 -10.41
N PRO B 10 9.57 -13.94 -10.36
CA PRO B 10 9.86 -15.20 -11.05
C PRO B 10 9.10 -15.38 -12.36
N GLN B 11 8.53 -14.29 -12.86
N GLN B 11 8.51 -14.31 -12.90
CA GLN B 11 7.69 -14.33 -14.06
CA GLN B 11 7.64 -14.49 -14.07
C GLN B 11 8.35 -14.99 -15.26
C GLN B 11 8.37 -15.05 -15.29
N LYS B 12 9.62 -14.67 -15.50
CA LYS B 12 10.36 -15.22 -16.65
C LYS B 12 10.66 -16.70 -16.48
N LEU B 13 10.82 -17.13 -15.24
CA LEU B 13 10.93 -18.56 -14.96
C LEU B 13 9.64 -19.28 -15.32
N TYR B 14 8.50 -18.78 -14.85
CA TYR B 14 7.24 -19.48 -15.09
C TYR B 14 6.78 -19.38 -16.54
N LEU B 15 7.30 -18.41 -17.28
CA LEU B 15 7.03 -18.28 -18.71
C LEU B 15 7.95 -19.15 -19.57
N THR B 16 8.97 -19.73 -18.96
CA THR B 16 9.87 -20.63 -19.67
C THR B 16 9.13 -21.91 -20.05
N PRO B 17 9.18 -22.29 -21.33
CA PRO B 17 8.45 -23.49 -21.78
C PRO B 17 8.75 -24.70 -20.90
N ASP B 18 7.69 -25.43 -20.53
CA ASP B 18 7.78 -26.68 -19.79
C ASP B 18 8.09 -26.58 -18.29
N VAL B 19 8.28 -25.37 -17.77
CA VAL B 19 8.34 -25.20 -16.32
C VAL B 19 6.97 -25.46 -15.72
N LEU B 20 5.95 -24.79 -16.26
CA LEU B 20 4.57 -25.18 -15.97
C LEU B 20 4.20 -26.30 -16.92
N THR B 21 3.49 -27.29 -16.40
CA THR B 21 3.21 -28.51 -17.15
C THR B 21 1.87 -28.42 -17.90
N ALA B 22 1.40 -29.54 -18.44
CA ALA B 22 0.21 -29.56 -19.29
C ALA B 22 -1.02 -29.01 -18.58
N GLY B 23 -1.81 -28.22 -19.30
CA GLY B 23 -3.05 -27.70 -18.76
C GLY B 23 -2.94 -26.31 -18.17
N PHE B 24 -1.72 -25.83 -17.94
CA PHE B 24 -1.51 -24.50 -17.35
C PHE B 24 -1.47 -23.45 -18.44
N ALA B 25 -2.32 -22.42 -18.31
CA ALA B 25 -2.27 -21.25 -19.17
C ALA B 25 -1.00 -20.46 -18.89
N PRO B 26 -0.56 -19.63 -19.84
CA PRO B 26 0.66 -18.83 -19.61
C PRO B 26 0.53 -17.96 -18.36
N TYR B 27 1.58 -17.94 -17.56
CA TYR B 27 1.63 -17.14 -16.34
C TYR B 27 1.44 -15.65 -16.60
N ILE B 28 0.63 -15.01 -15.76
CA ILE B 28 0.35 -13.57 -15.89
C ILE B 28 0.98 -12.79 -14.74
N GLY B 29 2.07 -12.09 -15.03
CA GLY B 29 2.78 -11.34 -14.00
C GLY B 29 2.14 -9.99 -13.75
N VAL B 30 1.65 -9.79 -12.53
CA VAL B 30 0.94 -8.57 -12.17
C VAL B 30 1.34 -8.05 -10.78
N GLY B 31 2.29 -8.70 -10.12
CA GLY B 31 2.66 -8.32 -8.77
C GLY B 31 2.07 -9.26 -7.73
N SER B 32 2.77 -9.45 -6.61
CA SER B 32 2.29 -10.38 -5.58
C SER B 32 0.99 -9.94 -4.92
N GLY B 33 0.80 -8.63 -4.75
CA GLY B 33 -0.42 -8.14 -4.14
C GLY B 33 -1.63 -8.57 -4.95
N LYS B 34 -1.56 -8.34 -6.26
CA LYS B 34 -2.66 -8.75 -7.14
CA LYS B 34 -2.65 -8.75 -7.14
C LYS B 34 -2.78 -10.26 -7.25
N GLY B 35 -1.66 -10.98 -7.19
CA GLY B 35 -1.70 -12.43 -7.20
C GLY B 35 -2.47 -12.98 -6.00
N LYS B 36 -2.20 -12.44 -4.82
CA LYS B 36 -2.90 -12.89 -3.61
C LYS B 36 -4.40 -12.59 -3.70
N ILE B 37 -4.76 -11.38 -4.13
CA ILE B 37 -6.17 -11.03 -4.31
C ILE B 37 -6.83 -11.97 -5.32
N ALA B 38 -6.17 -12.15 -6.46
CA ALA B 38 -6.69 -13.02 -7.52
C ALA B 38 -7.02 -14.40 -6.97
N PHE B 39 -6.10 -15.02 -6.24
CA PHE B 39 -6.37 -16.34 -5.68
C PHE B 39 -7.38 -16.30 -4.53
N LEU B 40 -7.13 -15.47 -3.53
CA LEU B 40 -7.92 -15.51 -2.30
C LEU B 40 -9.39 -15.16 -2.54
N GLU B 41 -9.65 -14.29 -3.50
CA GLU B 41 -11.00 -13.82 -3.75
C GLU B 41 -11.56 -14.36 -5.08
N ASN B 42 -10.77 -15.20 -5.75
CA ASN B 42 -11.11 -15.67 -7.10
C ASN B 42 -11.49 -14.49 -8.02
N LYS B 43 -10.55 -13.58 -8.17
CA LYS B 43 -10.76 -12.39 -9.00
C LYS B 43 -9.81 -12.39 -10.18
N TYR B 44 -10.24 -13.00 -11.28
CA TYR B 44 -9.43 -13.00 -12.48
C TYR B 44 -9.22 -11.59 -13.03
N ASN B 45 -10.07 -10.64 -12.63
CA ASN B 45 -9.90 -9.27 -13.13
C ASN B 45 -8.54 -8.66 -12.78
N GLN B 46 -7.85 -9.24 -11.79
CA GLN B 46 -6.50 -8.80 -11.44
C GLN B 46 -5.47 -9.29 -12.47
N PHE B 47 -5.87 -10.24 -13.30
CA PHE B 47 -5.02 -10.81 -14.34
C PHE B 47 -5.38 -10.29 -15.73
N GLY B 48 -6.66 -10.07 -15.99
CA GLY B 48 -7.09 -9.65 -17.31
C GLY B 48 -8.57 -9.33 -17.34
N THR B 49 -9.08 -8.94 -18.50
CA THR B 49 -10.46 -8.47 -18.60
C THR B 49 -11.48 -9.59 -18.77
N ASP B 50 -11.04 -10.81 -19.09
CA ASP B 50 -11.98 -11.90 -19.30
C ASP B 50 -12.35 -12.54 -17.98
N THR B 51 -13.35 -11.99 -17.32
CA THR B 51 -13.71 -12.44 -15.99
C THR B 51 -14.63 -13.66 -15.97
N THR B 52 -14.83 -14.28 -17.13
CA THR B 52 -15.47 -15.60 -17.15
C THR B 52 -14.50 -16.66 -16.62
N LYS B 53 -13.21 -16.34 -16.56
CA LYS B 53 -12.21 -17.30 -16.11
C LYS B 53 -12.07 -17.28 -14.60
N ASN B 54 -11.73 -18.45 -14.05
CA ASN B 54 -11.46 -18.58 -12.63
C ASN B 54 -9.96 -18.68 -12.37
N VAL B 55 -9.55 -18.26 -11.16
CA VAL B 55 -8.15 -18.31 -10.78
C VAL B 55 -7.89 -19.61 -10.03
N HIS B 56 -6.80 -20.29 -10.38
CA HIS B 56 -6.47 -21.56 -9.74
C HIS B 56 -5.23 -21.56 -8.85
N TRP B 57 -4.32 -20.62 -9.07
CA TRP B 57 -3.09 -20.56 -8.30
C TRP B 57 -2.46 -19.19 -8.47
N ALA B 58 -1.50 -18.88 -7.60
CA ALA B 58 -0.77 -17.64 -7.69
C ALA B 58 0.70 -17.83 -7.35
N GLY B 59 1.55 -17.03 -8.01
CA GLY B 59 2.91 -16.85 -7.55
C GLY B 59 2.95 -15.63 -6.64
N SER B 60 3.65 -15.74 -5.51
CA SER B 60 3.80 -14.60 -4.60
C SER B 60 5.11 -14.66 -3.84
N ASP B 61 5.82 -13.53 -3.77
CA ASP B 61 6.94 -13.42 -2.84
C ASP B 61 6.56 -12.53 -1.65
N SER B 62 5.25 -12.34 -1.48
CA SER B 62 4.68 -11.80 -0.25
C SER B 62 3.95 -12.91 0.49
N LYS B 63 4.32 -13.13 1.74
N LYS B 63 4.33 -13.16 1.74
CA LYS B 63 3.67 -14.16 2.54
CA LYS B 63 3.72 -14.23 2.53
C LYS B 63 2.20 -13.85 2.79
C LYS B 63 2.26 -13.89 2.85
N LEU B 64 1.39 -14.90 2.88
CA LEU B 64 0.00 -14.70 3.26
C LEU B 64 -0.05 -14.19 4.71
N THR B 65 -0.86 -13.17 4.95
CA THR B 65 -0.96 -12.58 6.30
C THR B 65 -1.97 -13.33 7.14
N ALA B 66 -1.98 -13.07 8.45
CA ALA B 66 -2.92 -13.72 9.34
C ALA B 66 -4.36 -13.43 8.92
N THR B 67 -4.62 -12.19 8.52
CA THR B 67 -5.96 -11.80 8.08
C THR B 67 -6.34 -12.54 6.80
N GLU B 68 -5.41 -12.60 5.85
CA GLU B 68 -5.68 -13.30 4.59
C GLU B 68 -5.99 -14.78 4.84
N LEU B 69 -5.21 -15.42 5.70
CA LEU B 69 -5.43 -16.83 6.04
C LEU B 69 -6.75 -17.05 6.75
N ALA B 70 -7.08 -16.20 7.73
CA ALA B 70 -8.33 -16.37 8.47
C ALA B 70 -9.55 -16.13 7.59
N THR B 71 -9.47 -15.14 6.71
CA THR B 71 -10.59 -14.83 5.83
C THR B 71 -10.82 -15.97 4.84
N TYR B 72 -9.75 -16.53 4.29
CA TYR B 72 -9.91 -17.66 3.38
C TYR B 72 -10.48 -18.87 4.12
N ALA B 73 -9.98 -19.13 5.33
CA ALA B 73 -10.44 -20.27 6.10
C ALA B 73 -11.94 -20.18 6.38
N ALA B 74 -12.42 -18.97 6.67
CA ALA B 74 -13.84 -18.76 6.97
C ALA B 74 -14.73 -18.74 5.72
N ASP B 75 -14.28 -18.09 4.66
CA ASP B 75 -15.13 -17.80 3.51
C ASP B 75 -15.06 -18.86 2.41
N LYS B 76 -13.87 -19.41 2.19
CA LYS B 76 -13.64 -20.21 0.99
C LYS B 76 -13.32 -21.67 1.32
N GLU B 77 -12.56 -21.89 2.38
CA GLU B 77 -12.10 -23.24 2.74
C GLU B 77 -13.20 -24.32 2.88
N PRO B 78 -14.33 -23.98 3.52
CA PRO B 78 -15.36 -25.03 3.65
C PRO B 78 -15.79 -25.65 2.32
N GLY B 79 -15.89 -24.83 1.27
CA GLY B 79 -16.31 -25.32 -0.03
C GLY B 79 -15.20 -25.63 -1.01
N TRP B 80 -14.05 -24.98 -0.84
CA TRP B 80 -12.97 -25.13 -1.81
C TRP B 80 -11.78 -25.95 -1.28
N GLY B 81 -11.78 -26.23 0.01
CA GLY B 81 -10.64 -26.91 0.62
C GLY B 81 -9.60 -25.92 1.15
N LYS B 82 -8.66 -26.43 1.95
CA LYS B 82 -7.55 -25.62 2.45
C LYS B 82 -6.67 -25.07 1.34
N LEU B 83 -6.20 -23.84 1.50
CA LEU B 83 -5.14 -23.39 0.60
C LEU B 83 -3.80 -24.00 1.01
N ILE B 84 -2.88 -24.02 0.05
CA ILE B 84 -1.54 -24.53 0.23
C ILE B 84 -0.59 -23.42 -0.17
N GLN B 85 0.37 -23.12 0.69
CA GLN B 85 1.38 -22.11 0.41
C GLN B 85 2.71 -22.83 0.56
N VAL B 86 3.49 -22.90 -0.51
CA VAL B 86 4.76 -23.60 -0.48
C VAL B 86 5.86 -22.76 -1.12
N PRO B 87 7.11 -22.91 -0.65
CA PRO B 87 8.18 -22.21 -1.34
C PRO B 87 8.33 -22.79 -2.74
N SER B 88 8.71 -21.96 -3.70
CA SER B 88 8.92 -22.37 -5.08
C SER B 88 10.41 -22.46 -5.39
N VAL B 89 11.11 -21.32 -5.28
CA VAL B 89 12.56 -21.27 -5.42
C VAL B 89 13.06 -20.23 -4.42
N ALA B 90 14.38 -20.22 -4.21
CA ALA B 90 15.01 -19.18 -3.40
C ALA B 90 15.68 -18.17 -4.32
N THR B 91 15.87 -16.97 -3.80
CA THR B 91 16.38 -15.86 -4.61
C THR B 91 17.20 -14.88 -3.79
N SER B 92 18.16 -14.25 -4.46
CA SER B 92 18.78 -13.04 -3.91
C SER B 92 17.90 -11.85 -4.26
N VAL B 93 18.21 -10.70 -3.66
CA VAL B 93 17.65 -9.44 -4.12
C VAL B 93 18.83 -8.58 -4.56
N ALA B 94 18.88 -8.30 -5.86
CA ALA B 94 19.98 -7.58 -6.48
C ALA B 94 19.78 -6.07 -6.40
N ILE B 95 20.88 -5.32 -6.50
CA ILE B 95 20.87 -3.86 -6.43
C ILE B 95 21.51 -3.31 -7.70
N PRO B 96 20.78 -3.31 -8.82
CA PRO B 96 21.30 -2.73 -10.07
C PRO B 96 21.22 -1.20 -10.04
N PHE B 97 22.11 -0.54 -10.77
CA PHE B 97 22.15 0.91 -10.79
C PHE B 97 22.68 1.39 -12.14
N ARG B 98 22.36 2.64 -12.48
CA ARG B 98 22.87 3.26 -13.69
C ARG B 98 23.77 4.44 -13.32
N LYS B 99 25.08 4.18 -13.28
CA LYS B 99 26.05 5.20 -12.92
C LYS B 99 27.42 4.75 -13.40
N ALA B 100 27.96 5.47 -14.38
CA ALA B 100 29.21 5.08 -15.02
C ALA B 100 30.39 5.16 -14.07
N GLY B 101 31.39 4.32 -14.31
CA GLY B 101 32.62 4.32 -13.52
C GLY B 101 33.33 2.99 -13.57
N ALA B 102 34.65 3.02 -13.65
CA ALA B 102 35.43 1.78 -13.71
C ALA B 102 35.49 1.04 -12.38
N ASN B 103 35.33 1.78 -11.28
CA ASN B 103 35.40 1.17 -9.95
C ASN B 103 34.23 0.22 -9.69
N ALA B 104 34.51 -0.85 -8.93
CA ALA B 104 33.45 -1.71 -8.44
C ALA B 104 32.66 -0.94 -7.38
N VAL B 105 31.33 -0.97 -7.51
CA VAL B 105 30.46 -0.50 -6.44
C VAL B 105 30.21 -1.66 -5.49
N ASP B 106 30.64 -1.49 -4.24
CA ASP B 106 30.53 -2.52 -3.22
C ASP B 106 29.97 -1.82 -1.99
N LEU B 107 28.67 -2.01 -1.76
CA LEU B 107 28.00 -1.34 -0.64
C LEU B 107 28.20 -2.11 0.65
N SER B 108 28.62 -1.43 1.71
CA SER B 108 28.44 -1.99 3.03
C SER B 108 26.93 -2.01 3.30
N VAL B 109 26.52 -2.85 4.23
CA VAL B 109 25.12 -2.83 4.64
C VAL B 109 24.74 -1.43 5.15
N LYS B 110 25.62 -0.80 5.92
CA LYS B 110 25.35 0.56 6.40
C LYS B 110 25.15 1.57 5.25
N GLU B 111 25.96 1.46 4.20
CA GLU B 111 25.79 2.31 3.03
C GLU B 111 24.49 2.01 2.29
N LEU B 112 24.17 0.73 2.10
CA LEU B 112 22.91 0.35 1.48
C LEU B 112 21.74 0.99 2.22
N CYS B 113 21.79 0.89 3.54
CA CYS B 113 20.77 1.46 4.40
C CYS B 113 20.62 2.96 4.22
N GLY B 114 21.76 3.65 4.14
CA GLY B 114 21.74 5.09 3.93
C GLY B 114 21.23 5.50 2.56
N VAL B 115 21.51 4.70 1.54
CA VAL B 115 21.00 5.00 0.21
C VAL B 115 19.48 4.91 0.19
N PHE B 116 18.94 3.85 0.80
CA PHE B 116 17.50 3.66 0.73
C PHE B 116 16.72 4.42 1.80
N SER B 117 17.40 4.99 2.78
CA SER B 117 16.75 5.87 3.75
C SER B 117 16.79 7.33 3.31
N GLY B 118 17.70 7.65 2.39
CA GLY B 118 17.92 9.03 1.99
C GLY B 118 19.05 9.73 2.74
N ARG B 119 19.61 9.07 3.76
CA ARG B 119 20.73 9.66 4.49
C ARG B 119 21.91 9.91 3.56
N ILE B 120 22.13 8.99 2.62
CA ILE B 120 23.13 9.15 1.58
C ILE B 120 22.44 9.57 0.28
N ALA B 121 22.55 10.85 -0.07
CA ALA B 121 21.84 11.39 -1.22
C ALA B 121 22.68 11.43 -2.50
N ASP B 122 23.98 11.16 -2.37
CA ASP B 122 24.92 11.36 -3.47
C ASP B 122 25.86 10.17 -3.54
N TRP B 123 26.23 9.77 -4.76
CA TRP B 123 27.17 8.68 -4.99
C TRP B 123 28.51 8.91 -4.29
N SER B 124 28.84 10.17 -4.04
CA SER B 124 30.08 10.50 -3.33
C SER B 124 30.07 10.00 -1.88
N GLY B 125 28.91 9.56 -1.40
CA GLY B 125 28.80 9.02 -0.05
C GLY B 125 29.11 7.54 0.09
N ILE B 126 29.46 6.90 -1.02
N ILE B 126 29.46 6.91 -1.04
CA ILE B 126 29.77 5.48 -1.02
CA ILE B 126 29.78 5.48 -1.06
C ILE B 126 31.27 5.28 -1.19
C ILE B 126 31.29 5.31 -1.18
N THR B 127 31.91 4.72 -0.17
CA THR B 127 33.36 4.54 -0.21
C THR B 127 33.78 3.62 -1.34
N GLY B 128 34.85 4.03 -2.05
CA GLY B 128 35.43 3.22 -3.10
C GLY B 128 34.68 3.23 -4.43
N ALA B 129 33.53 3.91 -4.49
CA ALA B 129 32.68 3.82 -5.68
C ALA B 129 33.23 4.56 -6.90
N GLY B 130 34.11 5.53 -6.66
CA GLY B 130 34.65 6.34 -7.75
C GLY B 130 33.55 7.02 -8.54
N ARG B 131 32.54 7.49 -7.83
CA ARG B 131 31.36 8.09 -8.45
C ARG B 131 30.87 9.24 -7.61
N SER B 132 30.34 10.26 -8.27
N SER B 132 30.34 10.26 -8.27
CA SER B 132 29.78 11.42 -7.59
CA SER B 132 29.78 11.42 -7.57
C SER B 132 28.55 11.90 -8.35
C SER B 132 28.57 11.92 -8.35
N GLY B 133 27.60 12.49 -7.62
CA GLY B 133 26.39 12.99 -8.23
C GLY B 133 25.17 12.40 -7.55
N PRO B 134 24.00 13.00 -7.78
CA PRO B 134 22.83 12.54 -7.04
C PRO B 134 22.47 11.08 -7.28
N ILE B 135 22.02 10.43 -6.22
CA ILE B 135 21.41 9.10 -6.31
C ILE B 135 19.91 9.30 -6.43
N GLN B 136 19.29 8.56 -7.34
CA GLN B 136 17.84 8.60 -7.48
C GLN B 136 17.31 7.19 -7.26
N VAL B 137 16.55 7.00 -6.19
CA VAL B 137 15.99 5.68 -5.88
C VAL B 137 14.77 5.41 -6.76
N VAL B 138 14.74 4.23 -7.39
CA VAL B 138 13.55 3.77 -8.08
C VAL B 138 12.96 2.64 -7.23
N TYR B 139 11.65 2.66 -7.04
CA TYR B 139 11.00 1.65 -6.21
C TYR B 139 9.71 1.20 -6.86
N ARG B 140 9.15 0.11 -6.35
CA ARG B 140 7.88 -0.42 -6.87
C ARG B 140 6.71 0.37 -6.34
N ALA B 141 5.88 0.87 -7.26
CA ALA B 141 4.73 1.69 -6.89
C ALA B 141 3.66 0.87 -6.16
N GLU B 142 3.52 -0.38 -6.58
CA GLU B 142 2.41 -1.23 -6.18
C GLU B 142 2.84 -2.26 -5.15
N SER B 143 1.87 -3.01 -4.63
N SER B 143 1.87 -3.01 -4.63
CA SER B 143 2.15 -4.08 -3.67
CA SER B 143 2.14 -4.08 -3.67
C SER B 143 3.05 -5.14 -4.29
C SER B 143 3.04 -5.15 -4.28
N SER B 144 4.24 -5.30 -3.73
CA SER B 144 5.28 -6.13 -4.34
C SER B 144 5.94 -7.08 -3.34
N GLY B 145 6.09 -8.34 -3.73
CA GLY B 145 6.82 -9.30 -2.92
C GLY B 145 8.32 -9.02 -2.91
N THR B 146 8.83 -8.46 -4.00
CA THR B 146 10.24 -8.04 -4.00
C THR B 146 10.43 -6.96 -2.93
N THR B 147 9.48 -6.04 -2.83
CA THR B 147 9.53 -5.04 -1.75
C THR B 147 9.49 -5.72 -0.38
N GLU B 148 8.64 -6.72 -0.21
CA GLU B 148 8.60 -7.43 1.08
C GLU B 148 9.94 -8.09 1.41
N LEU B 149 10.53 -8.80 0.43
CA LEU B 149 11.80 -9.47 0.66
C LEU B 149 12.89 -8.45 1.01
N PHE B 150 12.87 -7.30 0.34
CA PHE B 150 13.89 -6.27 0.52
C PHE B 150 13.72 -5.52 1.85
N THR B 151 12.49 -5.09 2.14
CA THR B 151 12.23 -4.39 3.39
C THR B 151 12.38 -5.31 4.61
N ARG B 152 12.20 -6.62 4.44
CA ARG B 152 12.47 -7.52 5.55
C ARG B 152 13.96 -7.44 5.93
N PHE B 153 14.82 -7.31 4.92
CA PHE B 153 16.24 -7.17 5.16
C PHE B 153 16.56 -5.82 5.78
N LEU B 154 15.98 -4.74 5.24
CA LEU B 154 16.22 -3.40 5.78
C LEU B 154 15.76 -3.32 7.23
N ASN B 155 14.62 -3.94 7.53
CA ASN B 155 14.11 -3.96 8.89
C ASN B 155 15.05 -4.67 9.85
N ALA B 156 15.71 -5.73 9.36
CA ALA B 156 16.58 -6.52 10.20
C ALA B 156 17.93 -5.85 10.42
N LYS B 157 18.43 -5.15 9.40
CA LYS B 157 19.82 -4.75 9.37
C LYS B 157 20.09 -3.25 9.38
N CYS B 158 19.09 -2.43 9.05
CA CYS B 158 19.28 -0.99 9.05
C CYS B 158 18.91 -0.42 10.42
N THR B 159 19.83 -0.58 11.36
CA THR B 159 19.50 -0.35 12.75
C THR B 159 20.07 0.93 13.32
N THR B 160 20.75 1.72 12.49
CA THR B 160 21.34 2.99 12.94
C THR B 160 21.04 4.18 12.02
N GLU B 161 19.91 4.13 11.32
CA GLU B 161 19.43 5.26 10.55
C GLU B 161 18.62 6.18 11.46
N PRO B 162 18.27 7.40 10.99
CA PRO B 162 17.40 8.24 11.83
C PRO B 162 16.03 7.60 12.06
N GLY B 163 15.48 6.97 11.01
CA GLY B 163 14.22 6.26 11.10
C GLY B 163 14.47 4.76 11.03
N THR B 164 13.39 3.99 10.95
CA THR B 164 13.46 2.54 10.78
C THR B 164 12.56 2.09 9.64
N PHE B 165 12.91 0.97 9.02
CA PHE B 165 12.11 0.41 7.91
C PHE B 165 11.19 -0.68 8.42
N ALA B 166 9.89 -0.50 8.17
CA ALA B 166 8.92 -1.58 8.44
C ALA B 166 8.89 -2.57 7.29
N VAL B 167 8.56 -3.82 7.60
CA VAL B 167 8.36 -4.84 6.58
C VAL B 167 7.02 -4.60 5.91
N THR B 168 7.04 -4.48 4.59
CA THR B 168 5.84 -4.12 3.85
C THR B 168 5.97 -4.51 2.38
N THR B 169 4.82 -4.57 1.70
CA THR B 169 4.81 -4.78 0.25
C THR B 169 4.78 -3.44 -0.49
N THR B 170 4.62 -2.34 0.24
CA THR B 170 4.55 -1.01 -0.38
C THR B 170 5.72 -0.16 0.09
N PHE B 171 6.73 -0.02 -0.76
CA PHE B 171 7.98 0.62 -0.36
C PHE B 171 7.77 2.02 0.18
N ALA B 172 6.84 2.76 -0.40
CA ALA B 172 6.58 4.13 0.02
C ALA B 172 6.13 4.22 1.48
N ASN B 173 5.70 3.10 2.06
CA ASN B 173 5.26 3.06 3.45
C ASN B 173 6.27 2.45 4.41
N SER B 174 7.45 2.09 3.91
CA SER B 174 8.39 1.35 4.75
C SER B 174 9.11 2.20 5.80
N TYR B 175 9.81 3.24 5.36
CA TYR B 175 10.62 4.02 6.27
C TYR B 175 9.74 4.89 7.15
N SER B 176 10.05 4.92 8.43
CA SER B 176 9.20 5.62 9.39
C SER B 176 9.05 7.10 9.09
N LEU B 177 10.10 7.71 8.52
CA LEU B 177 10.07 9.13 8.17
C LEU B 177 9.60 9.38 6.74
N GLY B 178 9.08 8.34 6.09
CA GLY B 178 8.56 8.46 4.74
C GLY B 178 9.62 8.59 3.68
N LEU B 179 9.17 8.84 2.45
CA LEU B 179 10.06 8.98 1.29
C LEU B 179 10.55 10.39 1.14
N THR B 180 10.01 11.31 1.93
CA THR B 180 10.40 12.72 1.84
C THR B 180 11.93 12.98 1.88
N PRO B 181 12.68 12.23 2.72
CA PRO B 181 14.14 12.46 2.71
C PRO B 181 14.80 12.15 1.38
N LEU B 182 14.18 11.32 0.54
CA LEU B 182 14.69 11.05 -0.78
C LEU B 182 14.29 12.19 -1.74
N ALA B 183 15.24 12.64 -2.55
CA ALA B 183 14.94 13.62 -3.57
C ALA B 183 14.65 12.91 -4.87
N GLY B 184 13.46 13.17 -5.42
CA GLY B 184 13.09 12.68 -6.73
C GLY B 184 13.02 11.18 -6.89
N ALA B 185 12.70 10.46 -5.82
CA ALA B 185 12.51 9.02 -5.93
C ALA B 185 11.40 8.73 -6.93
N VAL B 186 11.59 7.68 -7.73
CA VAL B 186 10.69 7.35 -8.84
C VAL B 186 9.99 6.03 -8.58
N ALA B 187 8.67 6.03 -8.73
CA ALA B 187 7.88 4.81 -8.61
C ALA B 187 7.59 4.22 -10.00
N ALA B 188 7.68 2.91 -10.12
CA ALA B 188 7.32 2.23 -11.36
C ALA B 188 6.61 0.91 -11.06
N THR B 189 5.92 0.38 -12.07
CA THR B 189 5.08 -0.80 -11.89
C THR B 189 5.74 -2.03 -12.50
N GLY B 190 5.83 -3.10 -11.71
CA GLY B 190 6.41 -4.36 -12.15
C GLY B 190 7.93 -4.36 -12.13
N SER B 191 8.51 -5.56 -12.09
CA SER B 191 9.95 -5.70 -12.24
C SER B 191 10.42 -5.05 -13.54
N ASP B 192 9.67 -5.29 -14.62
N ASP B 192 9.67 -5.29 -14.62
CA ASP B 192 10.03 -4.72 -15.92
CA ASP B 192 10.01 -4.73 -15.92
C ASP B 192 9.91 -3.19 -15.97
C ASP B 192 9.92 -3.20 -15.93
N GLY B 193 8.88 -2.65 -15.31
CA GLY B 193 8.71 -1.22 -15.26
C GLY B 193 9.82 -0.50 -14.50
N VAL B 194 10.23 -1.10 -13.38
CA VAL B 194 11.34 -0.53 -12.64
C VAL B 194 12.65 -0.59 -13.44
N MET B 195 12.91 -1.72 -14.09
CA MET B 195 14.13 -1.83 -14.89
C MET B 195 14.10 -0.85 -16.07
N ALA B 196 12.93 -0.65 -16.67
CA ALA B 196 12.81 0.34 -17.75
C ALA B 196 13.14 1.74 -17.25
N ALA B 197 12.67 2.08 -16.05
CA ALA B 197 12.99 3.38 -15.46
C ALA B 197 14.47 3.49 -15.12
N LEU B 198 15.05 2.42 -14.58
CA LEU B 198 16.46 2.40 -14.23
C LEU B 198 17.30 2.65 -15.48
N ASN B 199 16.90 2.03 -16.59
CA ASN B 199 17.69 2.06 -17.80
C ASN B 199 17.38 3.23 -18.73
N ASP B 200 16.42 4.07 -18.32
CA ASP B 200 15.97 5.18 -19.14
C ASP B 200 17.10 6.18 -19.44
N THR B 201 17.48 6.29 -20.71
CA THR B 201 18.59 7.17 -21.08
C THR B 201 18.17 8.62 -21.36
N THR B 202 16.88 8.92 -21.20
CA THR B 202 16.41 10.29 -21.38
C THR B 202 16.55 11.12 -20.12
N VAL B 203 16.96 10.49 -19.03
CA VAL B 203 17.20 11.19 -17.78
C VAL B 203 18.67 11.07 -17.37
N ALA B 204 19.08 11.89 -16.41
CA ALA B 204 20.46 11.86 -15.93
C ALA B 204 20.76 10.53 -15.24
N GLU B 205 22.03 10.13 -15.30
CA GLU B 205 22.49 8.94 -14.59
C GLU B 205 22.28 9.13 -13.10
N GLY B 206 22.27 8.02 -12.38
CA GLY B 206 22.26 8.08 -10.93
C GLY B 206 21.25 7.16 -10.28
N ARG B 207 20.38 6.55 -11.08
CA ARG B 207 19.32 5.70 -10.52
C ARG B 207 19.84 4.39 -9.94
N ILE B 208 19.15 3.93 -8.90
CA ILE B 208 19.47 2.67 -8.23
C ILE B 208 18.16 2.03 -7.78
N THR B 209 18.13 0.71 -7.70
CA THR B 209 16.93 0.04 -7.23
C THR B 209 17.25 -1.32 -6.60
N TYR B 210 16.19 -2.03 -6.20
CA TYR B 210 16.26 -3.40 -5.70
C TYR B 210 15.47 -4.24 -6.69
N MET B 211 15.90 -5.48 -6.95
CA MET B 211 15.38 -6.19 -8.10
C MET B 211 15.58 -7.70 -8.08
N SER B 212 14.60 -8.42 -8.61
CA SER B 212 14.78 -9.82 -8.97
C SER B 212 16.10 -10.02 -9.72
N PRO B 213 16.88 -11.04 -9.35
CA PRO B 213 18.15 -11.25 -10.05
C PRO B 213 17.95 -11.66 -11.52
N ASP B 214 16.79 -12.21 -11.85
CA ASP B 214 16.48 -12.58 -13.23
C ASP B 214 16.24 -11.35 -14.10
N PHE B 215 15.93 -10.23 -13.47
CA PHE B 215 15.70 -8.98 -14.20
C PHE B 215 16.85 -7.98 -14.08
N ALA B 216 17.71 -8.14 -13.08
CA ALA B 216 18.65 -7.09 -12.71
C ALA B 216 19.80 -6.92 -13.70
N ALA B 217 20.00 -7.94 -14.55
CA ALA B 217 20.99 -7.88 -15.62
C ALA B 217 20.46 -8.72 -16.77
N PRO B 218 20.87 -8.39 -18.01
CA PRO B 218 20.43 -9.16 -19.19
C PRO B 218 20.91 -10.61 -19.19
N THR B 219 22.06 -10.87 -18.55
CA THR B 219 22.60 -12.22 -18.46
C THR B 219 23.00 -12.51 -17.03
N LEU B 220 23.20 -13.80 -16.73
CA LEU B 220 23.69 -14.20 -15.42
C LEU B 220 25.02 -13.56 -15.10
N ALA B 221 25.93 -13.58 -16.07
CA ALA B 221 27.26 -12.99 -15.89
C ALA B 221 27.18 -11.51 -15.54
N GLY B 222 26.13 -10.86 -16.02
CA GLY B 222 25.93 -9.44 -15.76
C GLY B 222 25.72 -9.14 -14.29
N LEU B 223 25.27 -10.13 -13.53
CA LEU B 223 25.09 -9.93 -12.10
C LEU B 223 26.42 -9.74 -11.39
N ASP B 224 27.51 -10.17 -12.04
CA ASP B 224 28.85 -10.06 -11.49
C ASP B 224 29.58 -8.79 -11.93
N ASP B 225 28.94 -7.98 -12.77
CA ASP B 225 29.53 -6.70 -13.20
C ASP B 225 29.21 -5.62 -12.17
N ALA B 226 30.19 -5.31 -11.33
CA ALA B 226 29.98 -4.38 -10.22
C ALA B 226 30.01 -2.92 -10.65
N THR B 227 30.13 -2.67 -11.95
CA THR B 227 29.90 -1.31 -12.47
C THR B 227 28.44 -1.12 -12.86
N LYS B 228 27.64 -2.17 -12.69
CA LYS B 228 26.21 -2.12 -13.03
C LYS B 228 25.30 -2.75 -11.96
N VAL B 229 25.82 -3.73 -11.25
CA VAL B 229 25.06 -4.40 -10.19
C VAL B 229 25.93 -4.40 -8.95
N ALA B 230 25.45 -3.79 -7.87
CA ALA B 230 26.32 -3.58 -6.72
C ALA B 230 26.66 -4.87 -6.00
N ARG B 231 27.91 -5.00 -5.56
CA ARG B 231 28.24 -5.98 -4.54
C ARG B 231 27.67 -5.45 -3.24
N VAL B 232 27.33 -6.35 -2.33
CA VAL B 232 26.83 -5.95 -1.01
C VAL B 232 27.52 -6.79 0.05
N GLY B 233 27.94 -6.15 1.13
CA GLY B 233 28.56 -6.84 2.24
C GLY B 233 29.96 -6.38 2.61
N LYS B 234 30.45 -5.33 1.94
CA LYS B 234 31.73 -4.72 2.29
C LYS B 234 31.80 -4.43 3.78
N GLY B 235 32.91 -4.78 4.43
CA GLY B 235 33.05 -4.48 5.84
C GLY B 235 34.33 -4.95 6.47
N VAL B 236 34.25 -5.24 7.77
CA VAL B 236 35.36 -5.78 8.57
C VAL B 236 34.85 -6.95 9.43
N VAL B 237 35.46 -8.12 9.27
CA VAL B 237 35.05 -9.28 10.05
C VAL B 237 36.24 -9.93 10.75
N ASN B 238 36.12 -10.10 12.06
CA ASN B 238 37.20 -10.61 12.91
C ASN B 238 38.53 -9.91 12.65
N GLY B 239 38.46 -8.58 12.52
CA GLY B 239 39.64 -7.76 12.38
C GLY B 239 39.99 -7.32 10.98
N VAL B 240 39.50 -8.05 9.98
CA VAL B 240 40.00 -7.90 8.61
C VAL B 240 38.95 -7.37 7.62
N ALA B 241 39.40 -6.53 6.69
CA ALA B 241 38.53 -5.99 5.64
C ALA B 241 38.06 -7.06 4.67
N VAL B 242 36.75 -7.05 4.40
CA VAL B 242 36.11 -8.05 3.55
C VAL B 242 35.39 -7.34 2.41
N GLU B 243 35.43 -7.92 1.21
CA GLU B 243 34.67 -7.40 0.08
C GLU B 243 33.27 -7.98 0.10
N GLY B 244 32.31 -7.22 -0.41
CA GLY B 244 30.97 -7.75 -0.58
C GLY B 244 30.90 -8.71 -1.74
N LYS B 245 29.73 -9.33 -1.92
CA LYS B 245 29.53 -10.32 -2.96
C LYS B 245 28.50 -9.84 -3.97
N SER B 246 28.55 -10.39 -5.18
CA SER B 246 27.50 -10.16 -6.17
C SER B 246 26.25 -10.94 -5.77
N PRO B 247 25.09 -10.55 -6.32
CA PRO B 247 23.84 -11.27 -6.05
C PRO B 247 23.64 -12.52 -6.91
N ALA B 248 24.71 -13.03 -7.53
CA ALA B 248 24.61 -14.31 -8.25
C ALA B 248 24.06 -15.38 -7.31
N ALA B 249 23.27 -16.30 -7.87
CA ALA B 249 22.63 -17.34 -7.08
C ALA B 249 23.63 -18.15 -6.25
N ALA B 250 24.82 -18.39 -6.80
CA ALA B 250 25.83 -19.14 -6.07
C ALA B 250 26.23 -18.49 -4.75
N ASN B 251 25.99 -17.20 -4.61
CA ASN B 251 26.37 -16.50 -3.39
C ASN B 251 25.30 -16.52 -2.31
N VAL B 252 24.13 -17.06 -2.62
CA VAL B 252 23.11 -17.27 -1.58
C VAL B 252 22.75 -18.75 -1.39
N SER B 253 23.22 -19.63 -2.27
CA SER B 253 22.80 -21.02 -2.21
C SER B 253 23.24 -21.75 -0.93
N ALA B 254 24.42 -21.42 -0.41
CA ALA B 254 24.88 -22.07 0.81
C ALA B 254 23.94 -21.78 1.99
N ALA B 255 23.53 -20.53 2.13
CA ALA B 255 22.63 -20.16 3.22
C ALA B 255 21.28 -20.87 3.06
N ILE B 256 20.80 -20.93 1.83
CA ILE B 256 19.53 -21.60 1.53
C ILE B 256 19.60 -23.08 1.90
N SER B 257 20.76 -23.68 1.64
CA SER B 257 20.92 -25.13 1.80
C SER B 257 20.75 -25.57 3.24
N VAL B 258 20.95 -24.66 4.19
CA VAL B 258 20.83 -25.02 5.60
C VAL B 258 19.57 -24.47 6.28
N VAL B 259 18.63 -23.96 5.50
CA VAL B 259 17.36 -23.53 6.10
C VAL B 259 16.62 -24.76 6.64
N PRO B 260 16.31 -24.77 7.94
CA PRO B 260 15.67 -25.95 8.54
C PRO B 260 14.27 -26.23 7.99
N LEU B 261 13.94 -27.51 7.87
CA LEU B 261 12.60 -27.94 7.50
C LEU B 261 11.58 -27.49 8.54
N PRO B 262 10.30 -27.39 8.15
CA PRO B 262 9.25 -27.10 9.13
C PRO B 262 9.15 -28.24 10.13
N ALA B 263 8.69 -27.97 11.35
CA ALA B 263 8.42 -29.04 12.29
C ALA B 263 7.28 -29.88 11.73
N ALA B 264 7.22 -31.15 12.12
CA ALA B 264 6.22 -32.05 11.57
C ALA B 264 4.79 -31.70 12.00
N ALA B 265 4.61 -31.41 13.28
CA ALA B 265 3.27 -31.36 13.87
C ALA B 265 2.34 -30.24 13.36
N ASP B 266 2.89 -29.21 12.74
CA ASP B 266 2.05 -28.09 12.29
C ASP B 266 2.10 -27.84 10.79
N ARG B 267 2.29 -28.89 10.00
CA ARG B 267 2.40 -28.71 8.56
C ARG B 267 1.07 -28.41 7.85
N GLY B 268 -0.03 -28.43 8.60
CA GLY B 268 -1.29 -27.94 8.06
C GLY B 268 -1.44 -26.43 8.16
N ASN B 269 -0.42 -25.77 8.70
CA ASN B 269 -0.40 -24.31 8.83
C ASN B 269 0.46 -23.73 7.70
N PRO B 270 -0.18 -23.02 6.75
CA PRO B 270 0.57 -22.45 5.62
C PRO B 270 1.73 -21.55 6.07
N ASP B 271 1.65 -20.99 7.27
CA ASP B 271 2.73 -20.17 7.84
C ASP B 271 4.11 -20.82 7.87
N VAL B 272 4.15 -22.09 8.28
CA VAL B 272 5.44 -22.74 8.55
C VAL B 272 6.16 -23.14 7.28
N TRP B 273 5.48 -23.02 6.15
CA TRP B 273 6.05 -23.49 4.89
C TRP B 273 6.92 -22.47 4.21
N VAL B 274 6.76 -21.20 4.56
CA VAL B 274 7.57 -20.14 3.97
C VAL B 274 8.56 -19.57 4.99
N PRO B 275 9.83 -19.96 4.88
CA PRO B 275 10.80 -19.41 5.83
C PRO B 275 11.00 -17.94 5.55
N VAL B 276 11.07 -17.13 6.60
CA VAL B 276 11.46 -15.73 6.44
C VAL B 276 12.71 -15.48 7.25
N PHE B 277 13.48 -14.51 6.78
CA PHE B 277 14.74 -14.20 7.42
C PHE B 277 14.61 -13.00 8.35
N GLY B 278 15.55 -12.88 9.28
CA GLY B 278 15.54 -11.77 10.22
C GLY B 278 16.90 -11.58 10.85
N ALA B 279 16.99 -10.65 11.77
CA ALA B 279 18.26 -10.35 12.43
C ALA B 279 18.77 -11.57 13.19
N THR B 280 17.86 -12.26 13.88
CA THR B 280 18.21 -13.36 14.75
C THR B 280 17.34 -14.58 14.50
N THR B 281 17.93 -15.77 14.60
CA THR B 281 17.17 -17.01 14.49
C THR B 281 16.27 -17.18 15.72
N GLY B 282 15.00 -17.48 15.49
CA GLY B 282 14.07 -17.70 16.57
C GLY B 282 12.61 -17.59 16.13
N GLY B 283 11.76 -18.42 16.71
CA GLY B 283 10.33 -18.36 16.43
C GLY B 283 9.98 -18.58 14.96
N GLY B 284 10.76 -19.41 14.28
CA GLY B 284 10.50 -19.70 12.88
C GLY B 284 11.38 -18.90 11.95
N VAL B 285 11.80 -17.71 12.41
CA VAL B 285 12.66 -16.83 11.64
C VAL B 285 14.09 -17.37 11.56
N VAL B 286 14.71 -17.25 10.38
CA VAL B 286 16.08 -17.68 10.16
C VAL B 286 16.98 -16.45 10.07
N ALA B 287 18.10 -16.45 10.78
CA ALA B 287 18.99 -15.29 10.74
C ALA B 287 19.55 -15.08 9.34
N TYR B 288 19.54 -13.83 8.87
CA TYR B 288 20.25 -13.48 7.64
C TYR B 288 21.69 -13.94 7.77
N PRO B 289 22.27 -14.47 6.68
CA PRO B 289 23.60 -15.10 6.75
C PRO B 289 24.73 -14.11 6.91
N ASP B 290 25.76 -14.48 7.67
CA ASP B 290 26.91 -13.59 7.83
C ASP B 290 28.01 -13.85 6.80
N SER B 291 27.76 -14.78 5.89
CA SER B 291 28.66 -15.01 4.77
C SER B 291 27.85 -15.02 3.47
N GLY B 292 28.56 -14.98 2.35
CA GLY B 292 27.91 -14.93 1.05
C GLY B 292 27.18 -13.60 0.85
N TYR B 293 26.30 -13.56 -0.14
CA TYR B 293 25.50 -12.37 -0.40
C TYR B 293 24.39 -12.27 0.64
N PRO B 294 24.21 -11.09 1.23
CA PRO B 294 23.35 -11.02 2.42
C PRO B 294 21.84 -10.94 2.21
N ILE B 295 21.37 -10.50 1.04
CA ILE B 295 19.94 -10.27 0.86
C ILE B 295 19.33 -11.42 0.06
N LEU B 296 18.50 -12.21 0.75
CA LEU B 296 17.91 -13.40 0.12
C LEU B 296 16.53 -13.69 0.70
N GLY B 297 15.80 -14.59 0.07
CA GLY B 297 14.50 -15.01 0.56
C GLY B 297 13.89 -16.04 -0.36
N PHE B 298 12.62 -16.34 -0.12
CA PHE B 298 11.89 -17.30 -0.94
C PHE B 298 10.77 -16.62 -1.72
N THR B 299 10.53 -17.13 -2.92
CA THR B 299 9.29 -16.84 -3.64
C THR B 299 8.46 -18.10 -3.65
N ASN B 300 7.13 -17.94 -3.64
CA ASN B 300 6.22 -19.00 -3.25
C ASN B 300 5.09 -19.26 -4.23
N LEU B 301 4.42 -20.40 -4.04
CA LEU B 301 3.23 -20.76 -4.79
C LEU B 301 2.06 -20.88 -3.84
N ILE B 302 0.88 -20.47 -4.30
CA ILE B 302 -0.35 -20.62 -3.55
C ILE B 302 -1.32 -21.42 -4.42
N PHE B 303 -1.75 -22.57 -3.92
CA PHE B 303 -2.67 -23.47 -4.64
C PHE B 303 -3.82 -23.84 -3.72
N SER B 304 -4.81 -24.53 -4.28
CA SER B 304 -5.84 -25.16 -3.46
C SER B 304 -5.52 -26.64 -3.26
N GLN B 305 -5.90 -27.19 -2.11
CA GLN B 305 -5.81 -28.63 -1.93
C GLN B 305 -6.83 -29.34 -2.81
N CYS B 306 -7.95 -28.68 -3.08
CA CYS B 306 -9.06 -29.29 -3.81
C CYS B 306 -9.50 -28.49 -5.03
N TYR B 307 -9.77 -29.21 -6.12
CA TYR B 307 -10.32 -28.63 -7.33
C TYR B 307 -11.56 -29.42 -7.72
N ALA B 308 -12.63 -28.72 -8.09
CA ALA B 308 -13.89 -29.38 -8.46
C ALA B 308 -13.71 -30.23 -9.70
N ASN B 309 -12.83 -29.80 -10.61
CA ASN B 309 -12.58 -30.51 -11.85
C ASN B 309 -11.47 -31.55 -11.70
N ALA B 310 -11.75 -32.79 -12.09
CA ALA B 310 -10.81 -33.89 -11.89
C ALA B 310 -9.58 -33.82 -12.80
N THR B 311 -9.76 -33.33 -14.02
CA THR B 311 -8.64 -33.14 -14.92
C THR B 311 -7.69 -32.11 -14.33
N GLN B 312 -8.23 -30.99 -13.85
CA GLN B 312 -7.41 -29.96 -13.21
C GLN B 312 -6.66 -30.50 -12.00
N THR B 313 -7.34 -31.31 -11.18
CA THR B 313 -6.69 -31.91 -10.02
C THR B 313 -5.46 -32.72 -10.43
N GLY B 314 -5.62 -33.56 -11.45
CA GLY B 314 -4.51 -34.37 -11.94
C GLY B 314 -3.39 -33.52 -12.49
N GLN B 315 -3.74 -32.47 -13.24
CA GLN B 315 -2.72 -31.62 -13.86
C GLN B 315 -1.95 -30.80 -12.82
N VAL B 316 -2.63 -30.39 -11.75
CA VAL B 316 -1.92 -29.70 -10.67
C VAL B 316 -0.96 -30.66 -9.98
N ARG B 317 -1.40 -31.90 -9.76
CA ARG B 317 -0.54 -32.89 -9.14
C ARG B 317 0.68 -33.18 -10.02
N ASP B 318 0.47 -33.24 -11.33
CA ASP B 318 1.57 -33.46 -12.26
C ASP B 318 2.58 -32.30 -12.20
N PHE B 319 2.08 -31.08 -12.04
CA PHE B 319 3.00 -29.94 -11.89
C PHE B 319 3.83 -30.08 -10.62
N PHE B 320 3.19 -30.41 -9.50
CA PHE B 320 3.93 -30.61 -8.25
C PHE B 320 4.96 -31.72 -8.37
N THR B 321 4.59 -32.79 -9.08
CA THR B 321 5.47 -33.93 -9.30
C THR B 321 6.75 -33.47 -10.02
N LYS B 322 6.61 -32.54 -10.96
CA LYS B 322 7.77 -32.01 -11.64
C LYS B 322 8.53 -30.98 -10.79
N HIS B 323 7.84 -29.95 -10.34
CA HIS B 323 8.50 -28.83 -9.66
C HIS B 323 9.19 -29.25 -8.37
N TYR B 324 8.65 -30.26 -7.70
CA TYR B 324 9.22 -30.78 -6.46
C TYR B 324 9.80 -32.19 -6.65
N GLY B 325 10.04 -32.59 -7.90
CA GLY B 325 10.56 -33.92 -8.18
C GLY B 325 11.96 -34.16 -7.66
N THR B 326 12.21 -35.39 -7.21
CA THR B 326 13.58 -35.77 -6.88
C THR B 326 14.44 -35.68 -8.13
N SER B 327 13.90 -36.16 -9.26
CA SER B 327 14.51 -36.00 -10.57
C SER B 327 13.44 -35.53 -11.56
N ALA B 328 13.83 -35.35 -12.82
CA ALA B 328 12.91 -34.88 -13.86
C ALA B 328 12.16 -33.64 -13.39
N ASN B 329 12.93 -32.65 -12.91
CA ASN B 329 12.34 -31.49 -12.28
C ASN B 329 12.69 -30.21 -13.03
N ASN B 330 12.45 -29.06 -12.41
CA ASN B 330 12.70 -27.78 -13.06
C ASN B 330 14.02 -27.12 -12.67
N ASP B 331 14.90 -27.84 -11.98
CA ASP B 331 16.08 -27.19 -11.40
C ASP B 331 17.03 -26.54 -12.40
N ALA B 332 17.21 -27.14 -13.58
CA ALA B 332 18.08 -26.52 -14.57
C ALA B 332 17.52 -25.17 -15.03
N ALA B 333 16.22 -25.12 -15.25
CA ALA B 333 15.55 -23.89 -15.66
C ALA B 333 15.63 -22.84 -14.54
N ILE B 334 15.44 -23.29 -13.31
CA ILE B 334 15.52 -22.43 -12.14
C ILE B 334 16.89 -21.75 -12.09
N GLU B 335 17.95 -22.53 -12.26
CA GLU B 335 19.30 -21.97 -12.23
C GLU B 335 19.56 -21.04 -13.41
N ALA B 336 19.03 -21.39 -14.58
CA ALA B 336 19.22 -20.58 -15.78
C ALA B 336 18.63 -19.18 -15.62
N ASN B 337 17.64 -19.05 -14.74
CA ASN B 337 16.98 -17.77 -14.52
C ASN B 337 17.39 -17.10 -13.21
N ALA B 338 18.61 -17.42 -12.76
CA ALA B 338 19.28 -16.73 -11.66
C ALA B 338 18.73 -17.05 -10.28
N PHE B 339 18.04 -18.18 -10.15
CA PHE B 339 17.44 -18.55 -8.86
C PHE B 339 18.12 -19.79 -8.28
N VAL B 340 17.81 -20.07 -7.01
CA VAL B 340 18.37 -21.22 -6.30
C VAL B 340 17.28 -22.27 -6.14
N PRO B 341 17.52 -23.49 -6.64
CA PRO B 341 16.53 -24.55 -6.42
C PRO B 341 16.27 -24.83 -4.95
N LEU B 342 15.07 -25.32 -4.63
CA LEU B 342 14.81 -25.76 -3.26
C LEU B 342 15.69 -26.96 -2.95
N PRO B 343 16.28 -26.97 -1.74
CA PRO B 343 17.06 -28.14 -1.34
C PRO B 343 16.22 -29.42 -1.43
N SER B 344 16.89 -30.53 -1.73
CA SER B 344 16.21 -31.80 -1.96
C SER B 344 15.32 -32.22 -0.80
N ASN B 345 15.75 -32.00 0.44
CA ASN B 345 14.93 -32.37 1.57
C ASN B 345 13.67 -31.47 1.73
N TRP B 346 13.77 -30.22 1.28
CA TRP B 346 12.60 -29.34 1.20
C TRP B 346 11.61 -29.83 0.11
N LYS B 347 12.11 -30.22 -1.04
CA LYS B 347 11.25 -30.84 -2.06
C LYS B 347 10.51 -32.04 -1.47
N ALA B 348 11.26 -32.88 -0.76
CA ALA B 348 10.69 -34.10 -0.21
C ALA B 348 9.60 -33.78 0.81
N ALA B 349 9.80 -32.74 1.62
CA ALA B 349 8.77 -32.33 2.59
C ALA B 349 7.50 -31.87 1.89
N VAL B 350 7.66 -31.07 0.83
CA VAL B 350 6.51 -30.62 0.07
C VAL B 350 5.75 -31.81 -0.52
N ARG B 351 6.48 -32.76 -1.10
CA ARG B 351 5.85 -33.95 -1.69
C ARG B 351 5.10 -34.75 -0.64
N ALA B 352 5.72 -34.94 0.50
CA ALA B 352 5.17 -35.81 1.55
C ALA B 352 3.86 -35.28 2.11
N SER B 353 3.70 -33.96 2.15
CA SER B 353 2.44 -33.37 2.61
C SER B 353 1.41 -33.22 1.50
N PHE B 354 1.84 -32.72 0.35
CA PHE B 354 0.89 -32.22 -0.64
C PHE B 354 0.69 -33.12 -1.86
N LEU B 355 1.57 -34.10 -2.01
N LEU B 355 1.59 -34.08 -2.05
CA LEU B 355 1.52 -35.01 -3.16
CA LEU B 355 1.48 -35.02 -3.16
C LEU B 355 1.11 -36.42 -2.76
C LEU B 355 1.06 -36.42 -2.71
N THR B 356 1.82 -36.98 -1.77
CA THR B 356 1.56 -38.34 -1.28
C THR B 356 0.09 -38.54 -0.94
N ALA B 357 -0.56 -39.43 -1.69
CA ALA B 357 -2.02 -39.53 -1.66
C ALA B 357 -2.58 -39.80 -0.28
N SER B 358 -1.87 -40.61 0.50
CA SER B 358 -2.34 -40.99 1.83
C SER B 358 -2.33 -39.83 2.84
N ASN B 359 -1.63 -38.74 2.53
CA ASN B 359 -1.57 -37.63 3.46
C ASN B 359 -2.85 -36.79 3.46
N ALA B 360 -3.35 -36.45 4.63
CA ALA B 360 -4.57 -35.66 4.79
C ALA B 360 -4.50 -34.28 4.11
N LEU B 361 -3.28 -33.82 3.83
CA LEU B 361 -3.08 -32.51 3.22
C LEU B 361 -2.90 -32.59 1.71
N SER B 362 -2.93 -33.80 1.17
CA SER B 362 -2.54 -33.96 -0.23
C SER B 362 -3.56 -33.42 -1.23
N ILE B 363 -3.05 -32.86 -2.32
CA ILE B 363 -3.89 -32.33 -3.38
C ILE B 363 -4.78 -33.43 -3.92
N GLY B 364 -6.10 -33.20 -3.90
CA GLY B 364 -7.05 -34.16 -4.41
C GLY B 364 -7.39 -35.31 -3.47
N ASN B 365 -6.94 -35.24 -2.21
CA ASN B 365 -7.24 -36.28 -1.21
C ASN B 365 -8.74 -36.62 -1.22
N THR B 366 -9.06 -37.89 -1.43
CA THR B 366 -10.45 -38.29 -1.67
C THR B 366 -11.37 -38.10 -0.47
N ASN B 367 -10.86 -38.24 0.75
CA ASN B 367 -11.67 -38.03 1.95
C ASN B 367 -11.89 -36.54 2.18
N VAL B 368 -10.81 -35.78 2.09
CA VAL B 368 -10.87 -34.35 2.35
C VAL B 368 -11.59 -33.56 1.24
N CYS B 369 -11.35 -33.93 -0.01
CA CYS B 369 -11.86 -33.15 -1.13
C CYS B 369 -13.20 -33.63 -1.67
N ASN B 370 -13.79 -34.62 -1.01
CA ASN B 370 -15.08 -35.18 -1.38
C ASN B 370 -16.14 -34.10 -1.55
N GLY B 371 -16.54 -33.84 -2.80
CA GLY B 371 -17.59 -32.89 -3.11
C GLY B 371 -17.18 -31.43 -2.97
N LYS B 372 -15.87 -31.18 -2.94
CA LYS B 372 -15.35 -29.84 -2.73
C LYS B 372 -14.33 -29.45 -3.78
N GLY B 373 -13.96 -28.18 -3.80
CA GLY B 373 -12.91 -27.74 -4.70
C GLY B 373 -13.19 -26.44 -5.42
N ARG B 374 -12.11 -25.74 -5.76
CA ARG B 374 -12.23 -24.49 -6.51
C ARG B 374 -12.86 -24.73 -7.88
N PRO B 375 -13.57 -23.73 -8.40
CA PRO B 375 -14.25 -23.91 -9.68
C PRO B 375 -13.30 -24.01 -10.87
N GLN B 376 -13.70 -24.75 -11.90
CA GLN B 376 -12.82 -24.93 -13.05
C GLN B 376 -12.74 -23.66 -13.88
P PO4 C . -3.84 12.10 3.47
O1 PO4 C . -2.47 12.71 3.68
O2 PO4 C . -4.15 11.98 2.00
O3 PO4 C . -3.91 10.76 4.16
O4 PO4 C . -4.83 13.05 4.10
C1 GOL D . -15.05 0.38 -24.37
O1 GOL D . -15.99 -0.66 -24.33
C2 GOL D . -15.56 1.60 -23.59
O2 GOL D . -16.57 1.29 -22.65
C3 GOL D . -14.40 2.27 -22.88
O3 GOL D . -14.84 3.55 -22.48
C1 GOL E . 4.40 2.29 -14.83
O1 GOL E . 5.69 1.73 -14.59
C2 GOL E . 4.13 3.46 -13.90
O2 GOL E . 3.89 2.97 -12.59
C3 GOL E . 2.90 4.22 -14.38
O3 GOL E . 3.18 4.91 -15.59
C1 GOL F . 1.40 16.56 30.54
O1 GOL F . 2.61 16.41 29.85
C2 GOL F . 0.55 17.64 29.87
O2 GOL F . 0.21 17.22 28.55
C3 GOL F . -0.71 17.86 30.69
O3 GOL F . -0.38 18.43 31.94
C1 GOL G . -2.00 23.81 -11.00
O1 GOL G . -3.37 24.06 -10.76
C2 GOL G . -1.38 24.88 -11.90
O2 GOL G . 0.02 24.73 -11.96
C3 GOL G . -1.73 26.26 -11.36
O3 GOL G . -1.05 27.25 -12.09
P PO4 H . 6.69 -9.00 -7.25
O1 PO4 H . 6.19 -8.58 -8.62
O2 PO4 H . 7.69 -8.00 -6.70
O3 PO4 H . 5.53 -9.14 -6.31
O4 PO4 H . 7.35 -10.36 -7.43
C1 GOL I . 10.18 11.15 -2.60
O1 GOL I . 11.24 11.59 -3.42
C2 GOL I . 8.85 11.65 -3.16
O2 GOL I . 7.90 10.62 -3.02
C3 GOL I . 8.41 12.85 -2.33
O3 GOL I . 7.40 13.59 -2.99
C1 GOL J . 10.39 -23.80 8.65
O1 GOL J . 9.12 -23.86 9.26
C2 GOL J . 11.16 -22.61 9.22
O2 GOL J . 10.33 -21.47 9.13
C3 GOL J . 12.43 -22.40 8.41
O3 GOL J . 13.47 -23.19 8.94
C1 GOL K . 23.08 -1.05 -17.11
O1 GOL K . 23.95 -0.34 -17.97
C2 GOL K . 22.51 -0.10 -16.06
O2 GOL K . 21.77 0.94 -16.70
C3 GOL K . 21.59 -0.86 -15.11
O3 GOL K . 22.33 -1.73 -14.28
C1 GOL L . -8.97 -26.84 -17.35
O1 GOL L . -8.27 -26.81 -18.58
C2 GOL L . -10.01 -27.94 -17.45
O2 GOL L . -11.07 -27.47 -18.26
C3 GOL L . -9.32 -29.13 -18.09
O3 GOL L . -10.26 -30.11 -18.46
#